data_3SBQ
#
_entry.id   3SBQ
#
_cell.length_a   70.373
_cell.length_b   70.373
_cell.length_c   400.104
_cell.angle_alpha   90.00
_cell.angle_beta   90.00
_cell.angle_gamma   120.00
#
_symmetry.space_group_name_H-M   'P 65'
#
loop_
_entity.id
_entity.type
_entity.pdbx_description
1 polymer 'Nitrous-oxide reductase'
2 non-polymer 'DINUCLEAR COPPER ION'
3 non-polymer '[4Cu:2S] cluster'
4 non-polymer 'POTASSIUM ION'
5 non-polymer 'CALCIUM ION'
6 non-polymer 'CHLORIDE ION'
7 non-polymer IMIDAZOLE
8 water water
#
_entity_poly.entity_id   1
_entity_poly.type   'polypeptide(L)'
_entity_poly.pdbx_seq_one_letter_code
;MSDKDSKNTPQVPEKLGLSRRGFLGASAVTGAAVAATALGGAVMTRESWAQAVKESKQKIHVGPGELDDYYGFWSGGHQG
EVRVLGVPSMRELMRIPVFNVDSATGWGLTNESRHIMGDSAKFLNGDCHHPHISMTDGKYDGKYLFINDKANSRVARIRL
DIMKCDKMITVPNVQAIHGLRLQKVPHTKYVFANAEFIIPHPNDGKVFDLQDENSYTMYNAIDAETMEMAFQVIVDGNLD
NTDADYTGRFAAATCYNSEKAFDLGGMMRNERDWVVVFDIHAVEAAVKAGDFITLGDSKTPVLDGRKKDGKDSKFTRYVP
VPKNPHGCNTSSDGKYFIAAGKLSPTCSMIAIDKLPDLFAGKLADPRDVIVGEPELGLGPLHTTFDGRGNAYTTLFIDSQ
VVKWNMEEAVRAYKGEKVNYIKQKLDVHYQPGHLHASLCETNEADGKWLVALSKFSKDRFLPVGPLHPENDQLIDISGDE
MKLVHDGPTFAEPHDCIMARRDQIKTKKIWDRNDPFFAPTVEMAKKDGINLDTDNKVIRDGNKVRVYMTSMAPAFGVQEF
TVKQGDEVTVTITNIDQIEDVSHGFVVVNHGVSMEISPQQTSSITFVADKPGLHWYYCSWFCHALHMEMVGRMMVEPA
;
_entity_poly.pdbx_strand_id   A,B
#
loop_
_chem_comp.id
_chem_comp.type
_chem_comp.name
_chem_comp.formula
CA non-polymer 'CALCIUM ION' 'Ca 2'
CL non-polymer 'CHLORIDE ION' 'Cl -1'
CUA non-polymer 'DINUCLEAR COPPER ION' Cu2
CUK non-polymer '[4Cu:2S] cluster' 'Cu4 S2'
IMD non-polymer IMIDAZOLE 'C3 H5 N2 1'
K non-polymer 'POTASSIUM ION' 'K 1'
#
# COMPACT_ATOMS: atom_id res chain seq x y z
N GLN A 58 6.59 -4.67 31.70
CA GLN A 58 7.31 -4.37 30.42
C GLN A 58 6.55 -3.40 29.48
N LYS A 59 7.23 -2.30 29.13
CA LYS A 59 6.94 -1.46 27.94
C LYS A 59 5.49 -1.23 27.50
N ILE A 60 5.18 -1.67 26.28
CA ILE A 60 3.88 -1.50 25.58
C ILE A 60 3.60 -0.12 24.93
N HIS A 61 3.64 0.96 25.71
CA HIS A 61 3.36 2.29 25.13
C HIS A 61 4.64 3.08 24.85
N VAL A 62 4.67 3.72 23.67
CA VAL A 62 5.79 4.57 23.26
C VAL A 62 5.24 5.99 23.03
N GLY A 63 5.54 6.90 23.95
CA GLY A 63 4.95 8.23 23.91
C GLY A 63 5.59 9.14 22.88
N PRO A 64 4.97 10.32 22.62
CA PRO A 64 5.58 11.28 21.72
C PRO A 64 7.05 11.54 22.07
N GLY A 65 7.95 11.43 21.09
CA GLY A 65 9.37 11.66 21.31
C GLY A 65 10.21 10.54 21.93
N GLU A 66 9.57 9.40 22.20
CA GLU A 66 10.30 8.19 22.60
C GLU A 66 10.44 7.28 21.39
N LEU A 67 11.48 6.47 21.36
CA LEU A 67 11.68 5.55 20.24
C LEU A 67 11.27 4.14 20.61
N ASP A 68 10.79 3.39 19.61
CA ASP A 68 10.59 1.93 19.75
C ASP A 68 11.91 1.22 20.07
N ASP A 69 11.84 0.01 20.62
CA ASP A 69 13.04 -0.75 21.01
C ASP A 69 13.52 -1.74 19.97
N TYR A 70 12.58 -2.17 19.13
CA TYR A 70 12.86 -3.11 18.06
C TYR A 70 12.27 -2.62 16.73
N TYR A 71 12.90 -3.05 15.64
CA TYR A 71 12.31 -3.03 14.32
C TYR A 71 11.51 -4.31 14.07
N GLY A 72 10.39 -4.19 13.38
CA GLY A 72 9.63 -5.35 12.90
C GLY A 72 9.56 -5.24 11.37
N PHE A 73 9.85 -6.33 10.65
CA PHE A 73 9.71 -6.39 9.19
C PHE A 73 8.60 -7.38 8.88
N TRP A 74 7.51 -6.86 8.36
CA TRP A 74 6.30 -7.61 8.20
C TRP A 74 6.19 -7.92 6.73
N SER A 75 5.84 -9.15 6.41
CA SER A 75 5.45 -9.49 5.04
C SER A 75 4.19 -8.69 4.69
N GLY A 76 4.07 -8.33 3.42
CA GLY A 76 2.85 -7.70 2.93
C GLY A 76 1.81 -8.67 2.41
N GLY A 77 2.08 -9.97 2.50
CA GLY A 77 1.20 -10.99 1.94
C GLY A 77 0.83 -10.75 0.49
N HIS A 78 -0.47 -10.83 0.20
CA HIS A 78 -0.93 -10.83 -1.19
C HIS A 78 -0.81 -9.43 -1.81
N GLN A 79 -0.47 -8.45 -0.98
CA GLN A 79 -0.33 -7.05 -1.41
C GLN A 79 1.08 -6.80 -1.98
N GLY A 80 2.05 -7.60 -1.56
CA GLY A 80 3.33 -7.65 -2.25
C GLY A 80 4.51 -6.80 -1.78
N GLU A 81 4.30 -5.96 -0.77
CA GLU A 81 5.38 -5.13 -0.16
C GLU A 81 5.99 -5.76 1.10
N VAL A 82 7.00 -5.09 1.66
CA VAL A 82 7.46 -5.34 3.03
C VAL A 82 7.13 -4.10 3.87
N ARG A 83 6.69 -4.30 5.11
CA ARG A 83 6.35 -3.17 5.97
C ARG A 83 7.28 -3.16 7.14
N VAL A 84 7.75 -1.97 7.49
CA VAL A 84 8.66 -1.79 8.61
C VAL A 84 7.88 -1.19 9.75
N LEU A 85 7.84 -1.89 10.89
CA LEU A 85 7.09 -1.40 12.05
C LEU A 85 8.04 -1.12 13.19
N GLY A 86 7.61 -0.31 14.17
CA GLY A 86 8.36 -0.20 15.43
C GLY A 86 7.67 -1.06 16.47
N VAL A 87 8.46 -1.75 17.29
CA VAL A 87 7.94 -2.65 18.31
C VAL A 87 8.52 -2.17 19.65
N PRO A 88 7.69 -2.06 20.72
CA PRO A 88 6.32 -2.55 20.91
C PRO A 88 5.16 -1.66 20.48
N SER A 89 5.38 -0.47 19.94
CA SER A 89 4.21 0.35 19.52
C SER A 89 3.35 -0.26 18.38
N MET A 90 4.00 -1.06 17.52
CA MET A 90 3.35 -1.76 16.37
C MET A 90 2.92 -0.78 15.27
N ARG A 91 3.51 0.40 15.30
CA ARG A 91 3.26 1.42 14.31
C ARG A 91 4.07 1.16 13.05
N GLU A 92 3.46 1.37 11.90
CA GLU A 92 4.14 1.18 10.62
C GLU A 92 4.99 2.41 10.26
N LEU A 93 6.30 2.20 10.18
CA LEU A 93 7.24 3.30 9.94
C LEU A 93 7.52 3.54 8.46
N MET A 94 7.45 2.50 7.63
CA MET A 94 7.82 2.59 6.22
C MET A 94 7.23 1.44 5.43
N ARG A 95 6.94 1.68 4.17
CA ARG A 95 6.57 0.58 3.27
C ARG A 95 7.66 0.49 2.20
N ILE A 96 8.09 -0.75 1.94
CA ILE A 96 9.16 -0.98 0.98
C ILE A 96 8.51 -1.75 -0.14
N PRO A 97 8.37 -1.12 -1.31
CA PRO A 97 7.71 -1.79 -2.41
C PRO A 97 8.64 -2.91 -2.92
N VAL A 98 8.04 -4.04 -3.24
CA VAL A 98 8.82 -5.16 -3.79
C VAL A 98 8.17 -5.72 -5.06
N PHE A 99 7.04 -6.40 -4.92
CA PHE A 99 6.38 -7.03 -6.07
C PHE A 99 5.18 -6.21 -6.53
N ASN A 100 4.78 -5.30 -5.66
CA ASN A 100 3.74 -4.31 -5.94
C ASN A 100 4.26 -3.11 -6.77
N VAL A 101 3.38 -2.41 -7.49
CA VAL A 101 3.74 -1.13 -8.11
C VAL A 101 3.34 -0.02 -7.15
N ASP A 102 4.32 0.81 -6.75
CA ASP A 102 4.09 1.89 -5.79
C ASP A 102 4.06 3.23 -6.51
N SER A 103 2.88 3.84 -6.48
CA SER A 103 2.63 5.14 -7.07
C SER A 103 3.50 6.20 -6.41
N ALA A 104 3.76 6.07 -5.11
CA ALA A 104 4.47 7.14 -4.38
C ALA A 104 5.93 7.31 -4.83
N THR A 105 6.68 6.22 -4.74
CA THR A 105 8.11 6.21 -5.05
C THR A 105 8.40 5.95 -6.51
N GLY A 106 7.42 5.41 -7.20
CA GLY A 106 7.56 5.09 -8.61
C GLY A 106 8.14 3.69 -8.81
N TRP A 107 8.22 2.91 -7.73
CA TRP A 107 8.63 1.50 -7.85
C TRP A 107 7.75 0.73 -8.82
N GLY A 108 8.36 0.24 -9.89
CA GLY A 108 7.61 -0.44 -10.95
C GLY A 108 7.41 0.45 -12.14
N LEU A 109 7.67 1.77 -11.98
CA LEU A 109 7.62 2.72 -13.11
C LEU A 109 8.98 3.29 -13.53
N THR A 110 9.85 3.54 -12.55
CA THR A 110 11.16 4.12 -12.81
C THR A 110 12.05 3.12 -13.55
N ASN A 111 13.04 3.65 -14.27
CA ASN A 111 14.03 2.84 -14.96
C ASN A 111 14.87 2.02 -13.96
N GLU A 112 15.16 2.59 -12.78
CA GLU A 112 15.97 1.85 -11.78
C GLU A 112 15.26 0.62 -11.21
N SER A 113 13.97 0.80 -10.89
CA SER A 113 13.15 -0.30 -10.38
C SER A 113 12.93 -1.39 -11.45
N ARG A 114 12.69 -0.99 -12.69
CA ARG A 114 12.28 -1.94 -13.69
C ARG A 114 13.49 -2.77 -14.09
N HIS A 115 14.68 -2.15 -13.99
CA HIS A 115 15.95 -2.87 -14.22
C HIS A 115 16.14 -3.99 -13.19
N ILE A 116 15.88 -3.66 -11.93
CA ILE A 116 15.95 -4.64 -10.84
C ILE A 116 14.93 -5.78 -11.02
N MET A 117 13.70 -5.42 -11.33
CA MET A 117 12.67 -6.41 -11.58
C MET A 117 12.93 -7.28 -12.82
N GLY A 118 13.70 -6.75 -13.78
CA GLY A 118 13.94 -7.45 -15.05
C GLY A 118 12.67 -7.69 -15.85
N ASP A 119 12.61 -8.80 -16.60
CA ASP A 119 11.39 -9.14 -17.36
C ASP A 119 10.11 -9.19 -16.50
N SER A 120 10.27 -9.50 -15.21
CA SER A 120 9.15 -9.59 -14.27
C SER A 120 8.51 -8.24 -13.91
N ALA A 121 9.12 -7.14 -14.34
CA ALA A 121 8.47 -5.83 -14.25
C ALA A 121 7.08 -5.78 -14.92
N LYS A 122 6.75 -6.73 -15.80
CA LYS A 122 5.43 -6.78 -16.45
C LYS A 122 4.29 -7.25 -15.54
N PHE A 123 4.63 -7.81 -14.38
CA PHE A 123 3.63 -8.28 -13.42
C PHE A 123 3.36 -7.19 -12.42
N LEU A 124 2.09 -7.03 -12.05
CA LEU A 124 1.71 -5.93 -11.14
C LEU A 124 1.38 -6.47 -9.75
N ASN A 125 1.65 -7.78 -9.55
CA ASN A 125 1.23 -8.47 -8.35
C ASN A 125 2.33 -9.34 -7.76
N GLY A 126 2.18 -9.66 -6.49
CA GLY A 126 3.06 -10.63 -5.84
C GLY A 126 2.35 -11.20 -4.63
N ASP A 127 2.99 -12.15 -3.98
CA ASP A 127 2.40 -12.79 -2.83
C ASP A 127 3.50 -13.24 -1.90
N CYS A 128 3.82 -12.38 -0.94
CA CYS A 128 4.96 -12.64 -0.07
C CYS A 128 4.56 -13.15 1.31
N HIS A 129 5.44 -13.94 1.92
CA HIS A 129 5.07 -14.62 3.15
C HIS A 129 6.16 -14.59 4.18
N HIS A 130 7.41 -14.65 3.72
CA HIS A 130 8.49 -15.06 4.62
C HIS A 130 9.68 -14.11 4.60
N PRO A 131 9.66 -13.08 5.46
CA PRO A 131 10.76 -12.11 5.49
C PRO A 131 11.87 -12.62 6.41
N HIS A 132 13.13 -12.54 5.99
CA HIS A 132 14.25 -13.08 6.78
C HIS A 132 15.50 -12.20 6.62
N ILE A 133 16.20 -11.96 7.74
CA ILE A 133 17.35 -11.03 7.80
C ILE A 133 18.63 -11.85 7.71
N SER A 134 19.64 -11.33 7.02
CA SER A 134 20.87 -12.07 6.83
C SER A 134 21.59 -12.27 8.16
N MET A 135 22.40 -13.31 8.23
CA MET A 135 22.99 -13.72 9.49
C MET A 135 24.50 -13.93 9.40
N THR A 136 25.15 -13.69 10.52
CA THR A 136 26.56 -14.00 10.66
C THR A 136 26.73 -14.74 11.97
N ASP A 137 27.22 -15.98 11.87
CA ASP A 137 27.47 -16.84 13.01
C ASP A 137 26.22 -16.97 13.89
N GLY A 138 25.09 -17.26 13.26
CA GLY A 138 23.80 -17.41 13.94
C GLY A 138 23.20 -16.18 14.62
N LYS A 139 23.64 -14.98 14.24
CA LYS A 139 23.03 -13.74 14.73
C LYS A 139 22.71 -12.85 13.54
N TYR A 140 21.73 -11.95 13.68
CA TYR A 140 21.42 -11.01 12.59
C TYR A 140 22.59 -10.05 12.33
N ASP A 141 22.93 -9.83 11.07
CA ASP A 141 23.96 -8.83 10.76
C ASP A 141 23.35 -7.55 10.20
N GLY A 142 22.04 -7.57 9.99
CA GLY A 142 21.30 -6.40 9.50
C GLY A 142 21.67 -5.93 8.11
N LYS A 143 22.27 -6.80 7.31
CA LYS A 143 22.66 -6.43 5.94
C LYS A 143 21.48 -6.50 4.97
N TYR A 144 20.87 -7.67 4.85
CA TYR A 144 19.81 -7.89 3.88
C TYR A 144 18.56 -8.45 4.51
N LEU A 145 17.44 -8.15 3.89
CA LEU A 145 16.21 -8.92 4.11
C LEU A 145 15.82 -9.59 2.79
N PHE A 146 15.46 -10.88 2.83
CA PHE A 146 14.95 -11.64 1.67
C PHE A 146 13.50 -12.04 1.90
N ILE A 147 12.74 -12.13 0.81
CA ILE A 147 11.34 -12.50 0.86
C ILE A 147 10.95 -13.21 -0.45
N ASN A 148 9.97 -14.10 -0.37
CA ASN A 148 9.53 -14.87 -1.50
C ASN A 148 8.36 -14.18 -2.17
N ASP A 149 8.07 -14.61 -3.40
CA ASP A 149 6.85 -14.28 -4.14
C ASP A 149 6.26 -15.60 -4.63
N LYS A 150 5.17 -16.01 -4.00
CA LYS A 150 4.44 -17.22 -4.42
C LYS A 150 3.70 -17.08 -5.76
N ALA A 151 3.24 -15.88 -6.08
CA ALA A 151 2.41 -15.66 -7.25
C ALA A 151 3.18 -15.80 -8.58
N ASN A 152 4.32 -15.12 -8.65
CA ASN A 152 5.13 -15.11 -9.87
C ASN A 152 6.53 -15.71 -9.69
N SER A 153 6.68 -16.50 -8.63
CA SER A 153 7.89 -17.38 -8.45
C SER A 153 9.23 -16.62 -8.35
N ARG A 154 9.28 -15.59 -7.50
CA ARG A 154 10.49 -14.81 -7.36
C ARG A 154 11.02 -14.84 -5.91
N VAL A 155 12.26 -14.38 -5.76
CA VAL A 155 12.83 -14.07 -4.46
C VAL A 155 13.43 -12.67 -4.64
N ALA A 156 13.25 -11.82 -3.65
CA ALA A 156 13.81 -10.47 -3.73
C ALA A 156 14.64 -10.20 -2.49
N ARG A 157 15.62 -9.33 -2.66
CA ARG A 157 16.52 -8.89 -1.62
C ARG A 157 16.33 -7.41 -1.36
N ILE A 158 16.19 -7.05 -0.10
CA ILE A 158 16.09 -5.65 0.32
C ILE A 158 17.38 -5.24 1.01
N ARG A 159 17.97 -4.11 0.64
CA ARG A 159 19.12 -3.59 1.43
C ARG A 159 18.61 -2.79 2.62
N LEU A 160 18.95 -3.24 3.82
CA LEU A 160 18.47 -2.60 5.03
C LEU A 160 19.07 -1.25 5.35
N ASP A 161 20.22 -0.93 4.76
CA ASP A 161 20.82 0.40 4.94
C ASP A 161 19.95 1.49 4.29
N ILE A 162 19.32 1.16 3.16
CA ILE A 162 18.47 2.11 2.43
C ILE A 162 16.95 1.80 2.43
N MET A 163 16.58 0.63 2.95
CA MET A 163 15.19 0.15 2.98
C MET A 163 14.58 0.14 1.58
N LYS A 164 15.33 -0.42 0.64
CA LYS A 164 14.82 -0.62 -0.72
C LYS A 164 15.17 -2.00 -1.24
N CYS A 165 14.29 -2.54 -2.10
CA CYS A 165 14.57 -3.75 -2.84
C CYS A 165 15.67 -3.43 -3.83
N ASP A 166 16.77 -4.17 -3.81
CA ASP A 166 17.87 -3.89 -4.73
C ASP A 166 18.19 -5.02 -5.72
N LYS A 167 17.62 -6.19 -5.48
CA LYS A 167 17.81 -7.36 -6.35
C LYS A 167 16.57 -8.23 -6.43
N MET A 168 16.37 -8.83 -7.58
CA MET A 168 15.21 -9.68 -7.76
C MET A 168 15.54 -10.79 -8.73
N ILE A 169 15.02 -11.99 -8.47
CA ILE A 169 15.23 -13.09 -9.39
C ILE A 169 14.00 -13.94 -9.54
N THR A 170 13.75 -14.36 -10.78
CA THR A 170 12.68 -15.31 -11.07
C THR A 170 13.38 -16.66 -11.07
N VAL A 171 12.96 -17.53 -10.16
CA VAL A 171 13.56 -18.86 -10.06
C VAL A 171 13.17 -19.70 -11.28
N PRO A 172 14.15 -20.22 -12.02
CA PRO A 172 13.89 -20.92 -13.28
C PRO A 172 13.28 -22.30 -13.06
N ASN A 173 12.38 -22.71 -13.97
CA ASN A 173 11.90 -24.10 -13.97
C ASN A 173 11.13 -24.55 -12.72
N VAL A 174 10.49 -23.59 -12.04
CA VAL A 174 9.64 -23.92 -10.89
C VAL A 174 8.30 -23.19 -10.94
N GLN A 175 7.37 -23.58 -10.07
CA GLN A 175 6.17 -22.77 -9.83
C GLN A 175 5.92 -22.57 -8.34
N ALA A 176 5.73 -21.30 -7.98
CA ALA A 176 5.28 -20.87 -6.66
C ALA A 176 6.36 -20.92 -5.58
N ILE A 177 7.13 -19.84 -5.46
CA ILE A 177 8.08 -19.75 -4.34
C ILE A 177 7.40 -19.42 -3.02
N HIS A 178 7.45 -20.39 -2.11
CA HIS A 178 6.71 -20.24 -0.87
C HIS A 178 7.66 -20.17 0.31
N GLY A 179 8.01 -21.31 0.88
CA GLY A 179 8.92 -21.33 2.01
C GLY A 179 10.25 -20.70 1.67
N LEU A 180 10.79 -19.95 2.61
CA LEU A 180 12.09 -19.33 2.41
C LEU A 180 12.74 -19.23 3.76
N ARG A 181 14.00 -19.60 3.85
CA ARG A 181 14.82 -19.23 5.01
C ARG A 181 16.27 -19.13 4.59
N LEU A 182 17.10 -18.67 5.51
CA LEU A 182 18.46 -18.25 5.22
C LEU A 182 19.46 -19.13 5.94
N GLN A 183 20.54 -19.46 5.28
CA GLN A 183 21.65 -20.11 5.99
C GLN A 183 22.09 -19.24 7.18
N LYS A 184 22.40 -19.90 8.30
CA LYS A 184 22.74 -19.19 9.54
C LYS A 184 24.23 -19.15 9.86
N VAL A 185 24.93 -20.22 9.53
CA VAL A 185 26.31 -20.42 9.97
C VAL A 185 27.13 -20.96 8.80
N PRO A 186 28.37 -20.43 8.60
CA PRO A 186 29.02 -19.32 9.30
C PRO A 186 28.38 -17.96 8.95
N HIS A 187 27.69 -17.90 7.82
CA HIS A 187 26.85 -16.75 7.48
C HIS A 187 25.83 -17.11 6.39
N THR A 188 24.96 -16.17 6.04
CA THR A 188 24.01 -16.39 4.95
C THR A 188 24.74 -16.42 3.61
N LYS A 189 25.21 -17.60 3.22
CA LYS A 189 25.84 -17.72 1.91
C LYS A 189 24.73 -18.05 0.91
N TYR A 190 23.78 -18.85 1.37
CA TYR A 190 22.64 -19.23 0.56
C TYR A 190 21.32 -18.74 1.11
N VAL A 191 20.45 -18.39 0.18
CA VAL A 191 19.02 -18.19 0.47
C VAL A 191 18.33 -19.47 0.02
N PHE A 192 17.64 -20.12 0.95
CA PHE A 192 16.92 -21.35 0.60
C PHE A 192 15.44 -21.04 0.36
N ALA A 193 14.89 -21.64 -0.68
CA ALA A 193 13.52 -21.34 -1.09
C ALA A 193 12.86 -22.56 -1.73
N ASN A 194 11.63 -22.81 -1.30
CA ASN A 194 10.80 -23.90 -1.80
C ASN A 194 9.96 -23.52 -3.02
N ALA A 195 9.93 -24.39 -4.03
CA ALA A 195 8.89 -24.30 -5.03
C ALA A 195 7.80 -25.28 -4.61
N GLU A 196 6.60 -24.76 -4.33
CA GLU A 196 5.50 -25.57 -3.79
C GLU A 196 4.86 -26.58 -4.75
N PHE A 197 4.76 -26.24 -6.03
CA PHE A 197 3.91 -27.02 -6.91
C PHE A 197 4.66 -27.95 -7.88
N ILE A 198 4.18 -29.18 -7.96
CA ILE A 198 4.74 -30.18 -8.88
C ILE A 198 4.32 -29.83 -10.30
N ILE A 199 5.30 -29.78 -11.21
CA ILE A 199 5.06 -29.47 -12.62
C ILE A 199 5.86 -30.43 -13.52
N PRO A 200 5.43 -30.57 -14.79
CA PRO A 200 6.23 -31.37 -15.73
C PRO A 200 7.55 -30.70 -16.17
N HIS A 201 8.53 -31.52 -16.55
CA HIS A 201 9.83 -31.06 -17.08
C HIS A 201 10.18 -31.82 -18.36
N PRO A 202 10.08 -31.17 -19.53
CA PRO A 202 9.70 -29.77 -19.78
C PRO A 202 8.22 -29.55 -19.54
N ASN A 203 7.84 -28.30 -19.28
CA ASN A 203 6.44 -27.98 -19.18
C ASN A 203 5.95 -27.46 -20.52
N ASP A 204 5.83 -28.36 -21.49
CA ASP A 204 5.57 -27.95 -22.86
C ASP A 204 4.16 -28.20 -23.36
N GLY A 205 3.33 -28.82 -22.51
CA GLY A 205 1.92 -29.03 -22.81
C GLY A 205 1.58 -30.41 -23.37
N LYS A 206 2.60 -31.27 -23.45
CA LYS A 206 2.48 -32.66 -23.92
C LYS A 206 2.07 -33.59 -22.79
N VAL A 207 2.71 -33.41 -21.63
CA VAL A 207 2.41 -34.17 -20.42
C VAL A 207 1.88 -33.23 -19.36
N PHE A 208 0.75 -33.58 -18.74
CA PHE A 208 0.19 -32.84 -17.59
C PHE A 208 0.18 -33.69 -16.31
N ASP A 209 0.48 -34.98 -16.44
CA ASP A 209 0.41 -35.91 -15.33
C ASP A 209 1.47 -35.64 -14.24
N LEU A 210 1.01 -35.49 -13.00
CA LEU A 210 1.89 -35.27 -11.85
C LEU A 210 2.70 -36.50 -11.41
N GLN A 211 2.34 -37.67 -11.91
CA GLN A 211 3.05 -38.93 -11.56
C GLN A 211 4.16 -39.28 -12.55
N ASP A 212 4.20 -38.55 -13.66
CA ASP A 212 5.20 -38.73 -14.69
C ASP A 212 6.61 -38.72 -14.09
N GLU A 213 7.45 -39.59 -14.59
N GLU A 213 7.45 -39.60 -14.59
CA GLU A 213 8.87 -39.64 -14.21
CA GLU A 213 8.87 -39.66 -14.26
C GLU A 213 9.51 -38.25 -14.07
C GLU A 213 9.54 -38.28 -14.10
N ASN A 214 9.13 -37.34 -14.95
CA ASN A 214 9.72 -36.00 -14.98
C ASN A 214 8.85 -34.87 -14.43
N SER A 215 7.78 -35.24 -13.72
CA SER A 215 6.98 -34.23 -13.03
C SER A 215 7.40 -34.20 -11.57
N TYR A 216 7.88 -33.03 -11.11
CA TYR A 216 8.40 -32.89 -9.75
C TYR A 216 8.49 -31.42 -9.36
N THR A 217 8.92 -31.15 -8.13
CA THR A 217 9.40 -29.82 -7.76
C THR A 217 10.83 -29.89 -7.23
N MET A 218 11.40 -28.72 -6.94
CA MET A 218 12.81 -28.55 -6.60
C MET A 218 13.01 -27.59 -5.43
N TYR A 219 13.96 -27.94 -4.56
CA TYR A 219 14.54 -27.06 -3.55
C TYR A 219 15.57 -26.15 -4.22
N ASN A 220 15.56 -24.87 -3.84
CA ASN A 220 16.38 -23.87 -4.54
C ASN A 220 17.35 -23.16 -3.61
N ALA A 221 18.62 -23.06 -4.04
CA ALA A 221 19.60 -22.26 -3.32
C ALA A 221 20.03 -21.08 -4.18
N ILE A 222 19.95 -19.91 -3.59
CA ILE A 222 20.30 -18.68 -4.27
C ILE A 222 21.47 -18.10 -3.54
N ASP A 223 22.52 -17.71 -4.28
CA ASP A 223 23.63 -16.97 -3.71
C ASP A 223 23.12 -15.63 -3.19
N ALA A 224 23.24 -15.43 -1.87
CA ALA A 224 22.78 -14.24 -1.17
C ALA A 224 23.45 -12.95 -1.62
N GLU A 225 24.72 -13.02 -2.02
CA GLU A 225 25.45 -11.81 -2.40
C GLU A 225 25.27 -11.42 -3.86
N THR A 226 25.31 -12.38 -4.77
CA THR A 226 25.12 -12.08 -6.20
C THR A 226 23.65 -12.12 -6.63
N MET A 227 22.82 -12.84 -5.89
CA MET A 227 21.40 -13.08 -6.22
C MET A 227 21.23 -13.79 -7.58
N GLU A 228 22.22 -14.63 -7.87
CA GLU A 228 22.17 -15.59 -8.95
C GLU A 228 21.91 -16.95 -8.32
N MET A 229 21.30 -17.85 -9.10
CA MET A 229 21.04 -19.21 -8.64
C MET A 229 22.35 -19.93 -8.30
N ALA A 230 22.37 -20.63 -7.17
CA ALA A 230 23.54 -21.47 -6.82
C ALA A 230 23.37 -22.94 -7.21
N PHE A 231 22.21 -23.52 -6.90
CA PHE A 231 21.86 -24.88 -7.33
C PHE A 231 20.38 -25.16 -7.09
N GLN A 232 19.88 -26.22 -7.72
CA GLN A 232 18.53 -26.73 -7.42
C GLN A 232 18.56 -28.24 -7.16
N VAL A 233 17.68 -28.71 -6.26
CA VAL A 233 17.64 -30.14 -5.89
C VAL A 233 16.26 -30.70 -6.13
N ILE A 234 16.18 -31.72 -6.99
CA ILE A 234 14.90 -32.38 -7.23
C ILE A 234 14.50 -33.18 -6.00
N VAL A 235 13.22 -33.08 -5.63
CA VAL A 235 12.69 -33.83 -4.48
C VAL A 235 11.47 -34.63 -4.87
N ASP A 236 11.21 -35.67 -4.09
CA ASP A 236 9.94 -36.37 -4.09
C ASP A 236 8.89 -35.48 -3.42
N GLY A 237 7.61 -35.80 -3.61
CA GLY A 237 6.54 -35.03 -2.98
C GLY A 237 6.63 -33.55 -3.33
N ASN A 238 6.34 -32.70 -2.36
CA ASN A 238 6.44 -31.26 -2.59
C ASN A 238 7.14 -30.55 -1.44
N LEU A 239 7.07 -29.22 -1.42
CA LEU A 239 7.76 -28.44 -0.43
C LEU A 239 6.81 -27.36 0.13
N ASP A 240 6.86 -27.16 1.45
CA ASP A 240 6.02 -26.15 2.10
C ASP A 240 6.88 -25.06 2.74
N ASN A 241 7.39 -25.36 3.94
CA ASN A 241 8.24 -24.43 4.68
C ASN A 241 9.64 -25.04 4.87
N THR A 242 10.63 -24.21 5.15
CA THR A 242 12.03 -24.65 5.28
C THR A 242 12.81 -23.89 6.35
N ASP A 243 13.77 -24.57 6.98
CA ASP A 243 14.69 -23.90 7.92
C ASP A 243 16.03 -24.60 7.82
N ALA A 244 17.03 -23.97 8.42
CA ALA A 244 18.45 -24.35 8.31
C ALA A 244 19.02 -24.54 9.71
N ASP A 245 20.14 -25.25 9.80
CA ASP A 245 20.79 -25.52 11.09
C ASP A 245 21.74 -24.41 11.54
N TYR A 246 22.47 -24.67 12.62
CA TYR A 246 23.52 -23.78 13.11
C TYR A 246 24.95 -24.22 12.82
N THR A 247 25.15 -24.92 11.69
CA THR A 247 26.48 -25.35 11.22
C THR A 247 26.72 -25.04 9.75
N GLY A 248 25.63 -24.96 8.99
CA GLY A 248 25.71 -24.72 7.55
C GLY A 248 25.67 -26.00 6.73
N ARG A 249 25.60 -27.13 7.40
CA ARG A 249 25.63 -28.41 6.70
C ARG A 249 24.23 -28.87 6.28
N PHE A 250 23.26 -28.71 7.18
CA PHE A 250 21.92 -29.17 6.87
C PHE A 250 20.90 -28.07 6.73
N ALA A 251 19.88 -28.37 5.93
CA ALA A 251 18.64 -27.61 5.81
C ALA A 251 17.51 -28.64 5.78
N ALA A 252 16.27 -28.22 6.00
CA ALA A 252 15.14 -29.13 6.03
C ALA A 252 13.89 -28.43 5.52
N ALA A 253 12.96 -29.23 5.01
CA ALA A 253 11.67 -28.71 4.57
C ALA A 253 10.54 -29.69 4.81
N THR A 254 9.36 -29.14 5.05
CA THR A 254 8.15 -29.93 5.16
C THR A 254 7.59 -30.20 3.78
N CYS A 255 6.83 -31.29 3.70
CA CYS A 255 6.17 -31.74 2.48
C CYS A 255 4.74 -32.11 2.85
N TYR A 256 3.75 -31.63 2.12
CA TYR A 256 2.39 -32.05 2.45
C TYR A 256 1.77 -32.95 1.38
N ASN A 257 2.40 -32.96 0.21
CA ASN A 257 1.90 -33.73 -0.92
C ASN A 257 2.84 -34.86 -1.36
N SER A 258 3.17 -35.76 -0.44
CA SER A 258 3.92 -36.98 -0.75
C SER A 258 3.17 -37.85 -1.75
N GLU A 259 1.84 -37.73 -1.72
CA GLU A 259 0.93 -38.37 -2.68
C GLU A 259 1.07 -37.92 -4.15
N LYS A 260 1.66 -36.74 -4.38
CA LYS A 260 1.73 -36.12 -5.72
C LYS A 260 0.34 -36.10 -6.36
N ALA A 261 -0.64 -35.64 -5.58
CA ALA A 261 -2.04 -35.60 -5.97
C ALA A 261 -2.44 -34.18 -6.35
N PHE A 262 -3.50 -34.04 -7.14
CA PHE A 262 -4.03 -32.71 -7.44
C PHE A 262 -5.35 -32.38 -6.74
N ASP A 263 -5.91 -33.35 -6.02
CA ASP A 263 -7.25 -33.23 -5.40
C ASP A 263 -7.11 -33.26 -3.88
N LEU A 264 -8.03 -32.59 -3.19
CA LEU A 264 -7.98 -32.48 -1.73
C LEU A 264 -7.84 -33.82 -1.00
N GLY A 265 -8.79 -34.73 -1.25
CA GLY A 265 -8.73 -36.07 -0.67
C GLY A 265 -7.40 -36.76 -0.94
N GLY A 266 -7.01 -36.75 -2.23
CA GLY A 266 -5.71 -37.24 -2.64
C GLY A 266 -4.55 -36.74 -1.79
N MET A 267 -4.52 -35.43 -1.52
CA MET A 267 -3.41 -34.80 -0.77
C MET A 267 -3.39 -35.14 0.72
N MET A 268 -4.48 -35.77 1.19
CA MET A 268 -4.58 -36.13 2.60
C MET A 268 -4.59 -37.65 2.81
N ARG A 269 -4.24 -38.41 1.78
CA ARG A 269 -4.36 -39.87 1.84
C ARG A 269 -3.40 -40.57 2.81
N ASN A 270 -2.15 -40.16 2.81
CA ASN A 270 -1.13 -40.80 3.65
C ASN A 270 -1.23 -40.34 5.10
N GLU A 271 -1.15 -41.28 6.02
CA GLU A 271 -1.04 -40.95 7.44
C GLU A 271 0.17 -40.06 7.71
N ARG A 272 1.24 -40.28 6.95
CA ARG A 272 2.48 -39.51 7.09
C ARG A 272 2.96 -38.91 5.77
N ASP A 273 3.38 -37.65 5.78
CA ASP A 273 4.19 -37.14 4.68
C ASP A 273 5.65 -37.15 5.24
N TRP A 274 6.44 -36.10 5.08
CA TRP A 274 7.81 -36.14 5.63
C TRP A 274 8.39 -34.77 5.86
N VAL A 275 9.49 -34.70 6.64
CA VAL A 275 10.45 -33.61 6.46
C VAL A 275 11.65 -34.13 5.66
N VAL A 276 11.98 -33.41 4.60
CA VAL A 276 13.15 -33.74 3.82
C VAL A 276 14.35 -32.91 4.28
N VAL A 277 15.43 -33.61 4.57
CA VAL A 277 16.64 -32.98 5.05
C VAL A 277 17.68 -33.01 3.95
N PHE A 278 18.39 -31.90 3.81
CA PHE A 278 19.36 -31.70 2.74
C PHE A 278 20.75 -31.64 3.33
N ASP A 279 21.70 -32.34 2.71
CA ASP A 279 23.11 -32.22 3.03
C ASP A 279 23.78 -31.29 2.02
N ILE A 280 23.78 -30.01 2.37
CA ILE A 280 24.32 -28.96 1.50
C ILE A 280 25.81 -29.17 1.22
N HIS A 281 26.52 -29.73 2.20
CA HIS A 281 27.93 -30.10 1.98
C HIS A 281 28.08 -31.06 0.81
N ALA A 282 27.25 -32.11 0.79
CA ALA A 282 27.24 -33.04 -0.33
C ALA A 282 26.82 -32.37 -1.62
N VAL A 283 25.82 -31.50 -1.53
CA VAL A 283 25.39 -30.76 -2.70
C VAL A 283 26.55 -29.95 -3.28
N GLU A 284 27.19 -29.13 -2.45
CA GLU A 284 28.31 -28.30 -2.87
C GLU A 284 29.45 -29.15 -3.47
N ALA A 285 29.80 -30.23 -2.77
CA ALA A 285 30.80 -31.20 -3.25
C ALA A 285 30.52 -31.67 -4.69
N ALA A 286 29.29 -32.10 -4.96
CA ALA A 286 28.87 -32.54 -6.30
C ALA A 286 28.87 -31.44 -7.39
N VAL A 287 28.48 -30.21 -7.02
CA VAL A 287 28.50 -29.08 -7.98
C VAL A 287 29.95 -28.78 -8.38
N LYS A 288 30.81 -28.66 -7.36
CA LYS A 288 32.26 -28.49 -7.55
C LYS A 288 32.82 -29.49 -8.59
N ALA A 289 32.41 -30.76 -8.46
CA ALA A 289 32.89 -31.86 -9.31
C ALA A 289 32.29 -31.97 -10.72
N GLY A 290 31.25 -31.19 -10.99
CA GLY A 290 30.59 -31.21 -12.31
C GLY A 290 29.53 -32.27 -12.46
N ASP A 291 29.21 -32.95 -11.34
CA ASP A 291 28.22 -34.02 -11.31
C ASP A 291 26.82 -33.48 -11.12
N PHE A 292 26.28 -32.88 -12.18
CA PHE A 292 24.92 -32.34 -12.19
C PHE A 292 24.40 -32.26 -13.63
N ILE A 293 23.09 -32.08 -13.77
CA ILE A 293 22.44 -31.82 -15.05
C ILE A 293 22.07 -30.35 -15.14
N THR A 294 21.63 -29.92 -16.33
CA THR A 294 20.90 -28.65 -16.45
C THR A 294 19.56 -28.87 -17.14
N LEU A 295 18.59 -28.03 -16.78
CA LEU A 295 17.22 -28.08 -17.32
C LEU A 295 16.90 -26.91 -18.24
N GLY A 296 16.54 -27.22 -19.48
CA GLY A 296 16.21 -26.20 -20.48
C GLY A 296 17.39 -25.32 -20.83
N ASP A 297 17.17 -24.00 -20.79
CA ASP A 297 18.20 -23.01 -21.13
C ASP A 297 18.91 -22.44 -19.90
N SER A 298 18.45 -22.87 -18.73
CA SER A 298 19.04 -22.44 -17.47
C SER A 298 20.34 -23.18 -17.21
N LYS A 299 21.37 -22.41 -16.83
CA LYS A 299 22.68 -22.97 -16.55
C LYS A 299 22.82 -23.44 -15.09
N THR A 300 21.73 -23.36 -14.31
CA THR A 300 21.78 -23.73 -12.89
C THR A 300 22.03 -25.22 -12.72
N PRO A 301 23.02 -25.58 -11.87
CA PRO A 301 23.22 -26.99 -11.53
C PRO A 301 22.00 -27.54 -10.81
N VAL A 302 21.59 -28.73 -11.26
CA VAL A 302 20.44 -29.44 -10.75
C VAL A 302 20.93 -30.81 -10.33
N LEU A 303 20.66 -31.16 -9.08
CA LEU A 303 20.98 -32.48 -8.52
C LEU A 303 19.71 -33.26 -8.26
N ASP A 304 19.81 -34.59 -8.35
CA ASP A 304 18.63 -35.43 -8.14
C ASP A 304 18.55 -35.97 -6.70
N GLY A 305 17.67 -35.36 -5.90
CA GLY A 305 17.50 -35.75 -4.51
C GLY A 305 16.30 -36.64 -4.24
N ARG A 306 15.78 -37.26 -5.31
CA ARG A 306 14.70 -38.22 -5.17
C ARG A 306 15.23 -39.58 -4.78
N LYS A 307 14.33 -40.44 -4.27
CA LYS A 307 14.68 -41.84 -4.10
C LYS A 307 14.60 -42.59 -5.42
N LYS A 308 15.43 -43.61 -5.57
CA LYS A 308 15.35 -44.47 -6.73
C LYS A 308 15.15 -45.89 -6.21
N ASP A 309 14.00 -46.48 -6.50
CA ASP A 309 13.73 -47.86 -6.13
C ASP A 309 14.07 -48.12 -4.66
N GLY A 310 13.60 -47.22 -3.79
CA GLY A 310 13.80 -47.36 -2.35
C GLY A 310 15.18 -46.97 -1.82
N LYS A 311 16.13 -46.72 -2.71
CA LYS A 311 17.47 -46.27 -2.29
C LYS A 311 17.60 -44.74 -2.26
N ASP A 312 18.34 -44.25 -1.27
CA ASP A 312 18.49 -42.82 -1.09
C ASP A 312 19.45 -42.18 -2.08
N SER A 313 19.39 -40.86 -2.19
CA SER A 313 20.43 -40.11 -2.88
C SER A 313 21.42 -39.65 -1.81
N LYS A 314 22.58 -39.15 -2.24
CA LYS A 314 23.56 -38.63 -1.29
C LYS A 314 23.06 -37.31 -0.68
N PHE A 315 22.13 -36.67 -1.39
CA PHE A 315 21.75 -35.28 -1.13
C PHE A 315 20.63 -35.09 -0.11
N THR A 316 19.84 -36.14 0.11
CA THR A 316 18.59 -36.06 0.88
C THR A 316 18.26 -37.30 1.72
N ARG A 317 17.59 -37.07 2.85
CA ARG A 317 16.92 -38.12 3.64
C ARG A 317 15.48 -37.67 3.96
N TYR A 318 14.55 -38.61 3.86
CA TYR A 318 13.12 -38.33 4.08
C TYR A 318 12.66 -38.87 5.43
N VAL A 319 12.28 -37.95 6.33
CA VAL A 319 11.85 -38.31 7.67
C VAL A 319 10.32 -38.27 7.76
N PRO A 320 9.69 -39.45 7.94
CA PRO A 320 8.22 -39.46 7.95
C PRO A 320 7.70 -38.67 9.13
N VAL A 321 6.71 -37.83 8.85
CA VAL A 321 6.11 -36.90 9.83
C VAL A 321 4.62 -36.73 9.46
N PRO A 322 3.72 -36.91 10.44
CA PRO A 322 2.29 -36.62 10.23
C PRO A 322 1.95 -35.14 10.48
N LYS A 323 0.95 -34.56 9.80
CA LYS A 323 0.13 -35.12 8.72
C LYS A 323 -0.23 -33.91 7.83
N ASN A 324 0.29 -33.87 6.59
CA ASN A 324 0.36 -32.61 5.81
C ASN A 324 1.03 -31.52 6.63
N PRO A 325 2.22 -31.82 7.19
CA PRO A 325 2.88 -30.89 8.11
C PRO A 325 3.19 -29.55 7.43
N HIS A 326 3.32 -28.50 8.23
CA HIS A 326 3.43 -27.15 7.68
C HIS A 326 4.67 -26.40 8.15
N GLY A 327 4.69 -25.90 9.39
CA GLY A 327 5.86 -25.15 9.91
C GLY A 327 7.11 -26.00 9.94
N CYS A 328 8.25 -25.39 9.69
CA CYS A 328 9.55 -26.05 9.84
C CYS A 328 10.46 -25.05 10.54
N ASN A 329 10.75 -25.28 11.81
CA ASN A 329 11.37 -24.26 12.65
C ASN A 329 12.58 -24.81 13.41
N THR A 330 13.69 -24.09 13.39
CA THR A 330 14.92 -24.53 14.05
C THR A 330 14.94 -23.89 15.43
N SER A 331 15.07 -24.69 16.48
CA SER A 331 15.19 -24.14 17.84
C SER A 331 16.45 -23.28 18.03
N SER A 332 16.37 -22.30 18.93
CA SER A 332 17.41 -21.27 19.04
C SER A 332 18.72 -21.83 19.58
N ASP A 333 18.61 -22.96 20.27
CA ASP A 333 19.78 -23.72 20.75
C ASP A 333 20.40 -24.60 19.65
N GLY A 334 19.72 -24.68 18.51
CA GLY A 334 20.21 -25.45 17.37
C GLY A 334 20.04 -26.96 17.47
N LYS A 335 19.32 -27.41 18.49
CA LYS A 335 19.11 -28.85 18.70
C LYS A 335 18.15 -29.50 17.71
N TYR A 336 17.07 -28.80 17.33
CA TYR A 336 15.97 -29.42 16.58
C TYR A 336 15.44 -28.66 15.37
N PHE A 337 15.06 -29.41 14.35
CA PHE A 337 14.09 -28.96 13.37
C PHE A 337 12.75 -29.43 13.92
N ILE A 338 11.80 -28.51 14.07
CA ILE A 338 10.50 -28.87 14.64
C ILE A 338 9.41 -28.63 13.61
N ALA A 339 8.77 -29.70 13.16
CA ALA A 339 7.71 -29.64 12.16
C ALA A 339 6.34 -29.62 12.81
N ALA A 340 5.51 -28.65 12.45
CA ALA A 340 4.15 -28.55 12.97
C ALA A 340 3.18 -29.50 12.22
N GLY A 341 2.42 -30.28 12.99
CA GLY A 341 1.67 -31.44 12.44
C GLY A 341 0.46 -31.14 11.56
N LYS A 342 -0.08 -29.92 11.71
CA LYS A 342 -1.32 -29.46 11.07
C LYS A 342 -2.53 -30.38 11.22
N LEU A 343 -2.66 -31.38 10.35
CA LEU A 343 -3.76 -32.33 10.46
C LEU A 343 -3.49 -33.34 11.59
N SER A 344 -2.22 -33.44 12.00
CA SER A 344 -1.88 -34.15 13.22
C SER A 344 -1.72 -33.15 14.37
N PRO A 345 -2.39 -33.40 15.52
CA PRO A 345 -2.35 -32.44 16.65
C PRO A 345 -1.00 -32.45 17.39
N THR A 346 0.09 -32.56 16.63
CA THR A 346 1.41 -32.75 17.20
C THR A 346 2.47 -31.83 16.60
N CYS A 347 3.66 -31.82 17.20
CA CYS A 347 4.87 -31.38 16.53
C CYS A 347 5.86 -32.54 16.53
N SER A 348 6.66 -32.62 15.47
CA SER A 348 7.73 -33.62 15.39
C SER A 348 9.09 -32.97 15.54
N MET A 349 9.91 -33.50 16.46
CA MET A 349 11.19 -32.91 16.79
C MET A 349 12.32 -33.75 16.22
N ILE A 350 12.99 -33.24 15.20
CA ILE A 350 14.16 -33.90 14.62
C ILE A 350 15.40 -33.46 15.38
N ALA A 351 16.18 -34.42 15.86
CA ALA A 351 17.46 -34.14 16.49
C ALA A 351 18.56 -33.91 15.45
N ILE A 352 18.98 -32.66 15.28
CA ILE A 352 20.01 -32.33 14.29
C ILE A 352 21.33 -33.09 14.55
N ASP A 353 21.62 -33.33 15.83
CA ASP A 353 22.74 -34.19 16.29
C ASP A 353 22.92 -35.50 15.54
N LYS A 354 21.81 -36.07 15.12
CA LYS A 354 21.78 -37.44 14.63
C LYS A 354 21.85 -37.49 13.12
N LEU A 355 21.87 -36.33 12.49
CA LEU A 355 21.80 -36.25 11.04
C LEU A 355 23.09 -36.71 10.36
N PRO A 356 24.26 -36.43 10.97
CA PRO A 356 25.48 -37.02 10.42
C PRO A 356 25.43 -38.55 10.34
N ASP A 357 24.99 -39.22 11.41
CA ASP A 357 24.82 -40.68 11.41
C ASP A 357 23.79 -41.16 10.39
N LEU A 358 22.78 -40.33 10.14
CA LEU A 358 21.72 -40.69 9.21
C LEU A 358 22.20 -40.61 7.76
N PHE A 359 23.15 -39.72 7.50
CA PHE A 359 23.75 -39.61 6.17
C PHE A 359 24.94 -40.55 5.98
N ALA A 360 25.56 -40.91 7.10
CA ALA A 360 26.59 -41.97 7.15
C ALA A 360 25.97 -43.37 7.11
N GLY A 361 24.65 -43.44 7.25
CA GLY A 361 23.94 -44.73 7.20
C GLY A 361 24.15 -45.61 8.43
N LYS A 362 24.69 -45.02 9.49
CA LYS A 362 24.83 -45.69 10.80
C LYS A 362 23.48 -45.86 11.48
N LEU A 363 22.40 -45.57 10.75
CA LEU A 363 21.03 -45.58 11.27
C LEU A 363 20.11 -46.46 10.41
N ALA A 364 19.30 -47.28 11.07
CA ALA A 364 18.49 -48.29 10.37
C ALA A 364 17.11 -47.81 9.92
N ASP A 365 16.82 -46.53 10.16
CA ASP A 365 15.47 -46.00 9.99
C ASP A 365 15.49 -44.48 10.21
N PRO A 366 15.08 -43.68 9.20
CA PRO A 366 15.06 -42.21 9.35
C PRO A 366 14.14 -41.70 10.47
N ARG A 367 13.20 -42.53 10.91
CA ARG A 367 12.37 -42.20 12.08
C ARG A 367 13.17 -42.07 13.36
N ASP A 368 14.36 -42.66 13.38
CA ASP A 368 15.23 -42.63 14.55
C ASP A 368 15.85 -41.26 14.84
N VAL A 369 15.74 -40.32 13.90
CA VAL A 369 16.13 -38.94 14.19
C VAL A 369 15.02 -38.16 14.90
N ILE A 370 13.84 -38.76 14.96
CA ILE A 370 12.74 -38.19 15.75
C ILE A 370 12.91 -38.51 17.26
N VAL A 371 13.13 -37.47 18.06
CA VAL A 371 13.28 -37.60 19.52
C VAL A 371 12.13 -37.01 20.34
N GLY A 372 11.15 -36.41 19.66
CA GLY A 372 9.97 -35.90 20.34
C GLY A 372 8.80 -35.80 19.40
N GLU A 373 7.60 -36.10 19.90
CA GLU A 373 6.38 -35.86 19.14
C GLU A 373 5.21 -35.44 20.06
N PRO A 374 5.35 -34.30 20.75
CA PRO A 374 4.35 -33.89 21.74
C PRO A 374 3.01 -33.57 21.10
N GLU A 375 1.94 -34.05 21.71
CA GLU A 375 0.59 -33.66 21.33
C GLU A 375 0.31 -32.33 22.03
N LEU A 376 -0.16 -31.35 21.26
CA LEU A 376 -0.35 -29.99 21.76
C LEU A 376 -1.78 -29.49 21.62
N GLY A 377 -2.47 -29.92 20.56
CA GLY A 377 -3.84 -29.47 20.26
C GLY A 377 -4.12 -29.40 18.76
N LEU A 378 -5.29 -28.89 18.40
CA LEU A 378 -5.80 -28.99 17.02
C LEU A 378 -5.23 -27.95 16.07
N GLY A 379 -4.68 -28.43 14.97
CA GLY A 379 -4.15 -27.59 13.91
C GLY A 379 -2.84 -26.88 14.24
N PRO A 380 -1.81 -27.60 14.72
CA PRO A 380 -0.56 -26.85 14.92
C PRO A 380 0.12 -26.41 13.60
N LEU A 381 0.46 -25.13 13.49
CA LEU A 381 1.00 -24.57 12.24
C LEU A 381 2.46 -24.10 12.28
N HIS A 382 2.88 -23.45 13.37
CA HIS A 382 4.20 -22.85 13.42
C HIS A 382 4.73 -22.83 14.83
N THR A 383 6.07 -22.79 14.94
CA THR A 383 6.71 -22.77 16.24
C THR A 383 7.81 -21.71 16.35
N THR A 384 7.90 -21.10 17.52
CA THR A 384 8.92 -20.10 17.81
C THR A 384 9.49 -20.39 19.19
N PHE A 385 10.47 -19.59 19.59
CA PHE A 385 11.25 -19.96 20.78
C PHE A 385 11.60 -18.76 21.66
N ASP A 386 11.60 -18.98 22.98
CA ASP A 386 11.97 -17.90 23.90
C ASP A 386 13.45 -17.90 24.31
N GLY A 387 14.19 -18.88 23.81
CA GLY A 387 15.59 -19.05 24.25
C GLY A 387 15.77 -19.48 25.69
N ARG A 388 14.67 -19.79 26.38
CA ARG A 388 14.71 -20.28 27.77
C ARG A 388 14.32 -21.77 27.84
N GLY A 389 14.34 -22.45 26.70
CA GLY A 389 13.97 -23.87 26.64
C GLY A 389 12.51 -24.17 26.31
N ASN A 390 11.72 -23.13 26.11
CA ASN A 390 10.33 -23.30 25.71
C ASN A 390 10.14 -23.05 24.22
N ALA A 391 9.14 -23.74 23.66
CA ALA A 391 8.67 -23.55 22.30
C ALA A 391 7.26 -23.01 22.43
N TYR A 392 6.85 -22.24 21.43
CA TYR A 392 5.51 -21.66 21.37
C TYR A 392 4.93 -22.01 19.99
N THR A 393 3.80 -22.70 20.01
CA THR A 393 3.18 -23.19 18.77
C THR A 393 1.76 -22.63 18.56
N THR A 394 1.49 -22.19 17.35
CA THR A 394 0.12 -21.77 17.04
C THR A 394 -0.73 -23.00 16.74
N LEU A 395 -1.96 -22.97 17.25
CA LEU A 395 -2.96 -24.00 17.06
C LEU A 395 -4.07 -23.29 16.30
N PHE A 396 -4.08 -23.49 14.98
CA PHE A 396 -5.00 -22.77 14.11
C PHE A 396 -6.43 -23.10 14.47
N ILE A 397 -6.70 -24.39 14.66
CA ILE A 397 -8.07 -24.82 14.91
C ILE A 397 -8.54 -24.42 16.30
N ASP A 398 -7.73 -24.70 17.32
CA ASP A 398 -8.10 -24.32 18.69
C ASP A 398 -7.97 -22.83 18.98
N SER A 399 -7.40 -22.09 18.03
CA SER A 399 -7.16 -20.64 18.16
C SER A 399 -6.39 -20.23 19.42
N GLN A 400 -5.21 -20.83 19.59
CA GLN A 400 -4.37 -20.61 20.76
C GLN A 400 -2.91 -20.60 20.37
N VAL A 401 -2.10 -19.99 21.23
CA VAL A 401 -0.67 -20.22 21.25
C VAL A 401 -0.42 -21.14 22.45
N VAL A 402 0.29 -22.25 22.23
CA VAL A 402 0.66 -23.14 23.34
C VAL A 402 2.17 -23.10 23.68
N LYS A 403 2.47 -22.85 24.96
CA LYS A 403 3.85 -22.80 25.48
C LYS A 403 4.22 -24.17 26.03
N TRP A 404 5.27 -24.77 25.48
CA TRP A 404 5.72 -26.08 25.92
C TRP A 404 7.23 -26.21 26.07
N ASN A 405 7.62 -27.09 27.00
CA ASN A 405 9.00 -27.29 27.40
C ASN A 405 9.60 -28.38 26.54
N MET A 406 10.66 -28.04 25.83
CA MET A 406 11.21 -28.92 24.79
C MET A 406 11.93 -30.14 25.33
N GLU A 407 12.67 -29.98 26.43
CA GLU A 407 13.39 -31.12 26.99
C GLU A 407 12.45 -32.07 27.72
N GLU A 408 11.37 -31.53 28.29
CA GLU A 408 10.33 -32.35 28.87
C GLU A 408 9.58 -33.14 27.81
N ALA A 409 9.29 -32.50 26.67
CA ALA A 409 8.68 -33.21 25.54
C ALA A 409 9.51 -34.41 25.08
N VAL A 410 10.84 -34.24 25.05
CA VAL A 410 11.79 -35.28 24.63
C VAL A 410 11.82 -36.45 25.62
N ARG A 411 11.78 -36.14 26.92
CA ARG A 411 11.68 -37.16 27.97
C ARG A 411 10.33 -37.89 27.92
N ALA A 412 9.26 -37.16 27.64
CA ALA A 412 7.92 -37.77 27.51
C ALA A 412 7.87 -38.76 26.34
N TYR A 413 8.60 -38.45 25.27
CA TYR A 413 8.69 -39.33 24.10
C TYR A 413 9.30 -40.69 24.48
N LYS A 414 10.14 -40.70 25.51
CA LYS A 414 10.79 -41.90 26.03
C LYS A 414 9.98 -42.57 27.13
N GLY A 415 8.74 -42.14 27.30
CA GLY A 415 7.83 -42.80 28.24
C GLY A 415 7.63 -42.14 29.61
N GLU A 416 8.43 -41.11 29.91
CA GLU A 416 8.31 -40.44 31.20
C GLU A 416 6.99 -39.68 31.33
N LYS A 417 6.36 -39.80 32.49
CA LYS A 417 5.07 -39.16 32.77
C LYS A 417 5.30 -37.74 33.29
N VAL A 418 5.45 -36.80 32.36
CA VAL A 418 5.73 -35.39 32.72
C VAL A 418 4.95 -34.41 31.81
N ASN A 419 4.33 -33.40 32.41
CA ASN A 419 3.56 -32.43 31.63
C ASN A 419 4.45 -31.34 31.03
N TYR A 420 4.75 -31.49 29.74
CA TYR A 420 5.53 -30.51 29.01
C TYR A 420 4.71 -29.27 28.64
N ILE A 421 3.39 -29.32 28.76
CA ILE A 421 2.54 -28.15 28.47
C ILE A 421 2.43 -27.17 29.64
N LYS A 422 2.83 -25.92 29.40
CA LYS A 422 2.88 -24.89 30.44
C LYS A 422 1.71 -23.91 30.42
N GLN A 423 1.24 -23.54 29.23
CA GLN A 423 0.12 -22.61 29.12
C GLN A 423 -0.48 -22.61 27.73
N LYS A 424 -1.76 -22.29 27.67
CA LYS A 424 -2.47 -22.06 26.42
C LYS A 424 -3.12 -20.70 26.53
N LEU A 425 -2.72 -19.81 25.62
CA LEU A 425 -3.27 -18.48 25.52
C LEU A 425 -4.23 -18.41 24.33
N ASP A 426 -5.47 -17.99 24.59
CA ASP A 426 -6.46 -17.83 23.51
C ASP A 426 -6.10 -16.61 22.67
N VAL A 427 -6.17 -16.76 21.35
CA VAL A 427 -5.90 -15.66 20.42
C VAL A 427 -7.06 -15.50 19.44
N HIS A 428 -7.08 -14.37 18.73
CA HIS A 428 -8.31 -13.87 18.12
C HIS A 428 -8.10 -13.43 16.66
N TYR A 429 -8.24 -14.32 15.68
CA TYR A 429 -8.69 -15.70 15.78
C TYR A 429 -7.99 -16.48 14.67
N GLN A 430 -7.68 -17.75 14.95
CA GLN A 430 -7.11 -18.66 13.97
C GLN A 430 -5.70 -18.24 13.58
N PRO A 431 -4.74 -18.43 14.51
CA PRO A 431 -3.34 -18.05 14.29
C PRO A 431 -2.66 -18.88 13.19
N GLY A 432 -1.89 -18.20 12.35
CA GLY A 432 -0.97 -18.85 11.39
C GLY A 432 0.45 -18.92 11.93
N HIS A 433 1.35 -18.09 11.39
CA HIS A 433 2.70 -17.95 11.96
C HIS A 433 2.66 -17.21 13.30
N LEU A 434 3.72 -17.39 14.07
CA LEU A 434 4.07 -16.57 15.21
C LEU A 434 5.58 -16.36 15.27
N HIS A 435 6.03 -15.29 15.90
CA HIS A 435 7.45 -14.94 15.89
C HIS A 435 7.81 -14.37 17.24
N ALA A 436 8.82 -14.96 17.88
CA ALA A 436 9.39 -14.42 19.14
C ALA A 436 10.66 -13.62 18.85
N SER A 437 10.96 -12.64 19.69
CA SER A 437 12.04 -11.71 19.35
C SER A 437 13.37 -12.43 19.30
N LEU A 438 14.07 -12.26 18.18
CA LEU A 438 15.36 -12.89 17.88
C LEU A 438 15.35 -14.43 17.79
N CYS A 439 14.16 -15.01 17.65
CA CYS A 439 13.96 -16.46 17.64
C CYS A 439 14.75 -17.24 16.58
N GLU A 440 15.14 -16.58 15.49
CA GLU A 440 15.92 -17.22 14.44
C GLU A 440 17.41 -17.20 14.71
N THR A 441 17.81 -16.76 15.91
CA THR A 441 19.23 -16.62 16.21
C THR A 441 19.54 -17.21 17.56
N ASN A 442 20.82 -17.49 17.79
CA ASN A 442 21.25 -17.97 19.10
C ASN A 442 21.05 -16.92 20.21
N GLU A 443 20.56 -15.74 19.81
CA GLU A 443 20.32 -14.64 20.73
C GLU A 443 18.87 -14.51 21.20
N ALA A 444 18.01 -15.43 20.76
CA ALA A 444 16.62 -15.47 21.20
C ALA A 444 16.50 -14.95 22.63
N ASP A 445 15.79 -13.83 22.79
CA ASP A 445 15.80 -13.07 24.03
C ASP A 445 14.54 -13.25 24.90
N GLY A 446 13.58 -14.02 24.40
CA GLY A 446 12.36 -14.29 25.16
C GLY A 446 11.56 -13.12 25.69
N LYS A 447 11.49 -12.03 24.94
CA LYS A 447 10.76 -10.85 25.42
C LYS A 447 9.41 -10.57 24.77
N TRP A 448 9.39 -10.50 23.45
CA TRP A 448 8.15 -10.28 22.70
C TRP A 448 7.73 -11.43 21.80
N LEU A 449 6.42 -11.62 21.70
CA LEU A 449 5.86 -12.60 20.79
C LEU A 449 4.70 -12.01 20.02
N VAL A 450 4.70 -12.24 18.71
CA VAL A 450 3.63 -11.82 17.84
C VAL A 450 2.98 -13.02 17.20
N ALA A 451 1.66 -13.15 17.36
CA ALA A 451 0.92 -14.23 16.77
C ALA A 451 0.05 -13.61 15.68
N LEU A 452 0.11 -14.15 14.47
CA LEU A 452 -0.51 -13.48 13.34
C LEU A 452 -1.77 -14.21 12.89
N SER A 453 -2.93 -13.70 13.33
CA SER A 453 -4.21 -14.44 13.17
C SER A 453 -5.03 -14.00 11.97
N LYS A 454 -5.71 -14.98 11.38
CA LYS A 454 -6.33 -14.81 10.08
C LYS A 454 -7.74 -14.24 10.09
N PHE A 455 -8.46 -14.36 11.21
CA PHE A 455 -9.85 -13.86 11.27
C PHE A 455 -10.07 -12.95 12.48
N SER A 456 -10.13 -11.64 12.22
CA SER A 456 -10.20 -10.66 13.30
C SER A 456 -11.59 -10.50 13.89
N LYS A 457 -12.60 -11.01 13.21
CA LYS A 457 -13.99 -11.00 13.69
C LYS A 457 -14.42 -9.58 14.13
N ASP A 458 -14.75 -9.44 15.42
CA ASP A 458 -15.22 -8.19 16.01
C ASP A 458 -14.15 -7.52 16.88
N ARG A 459 -12.88 -7.84 16.62
CA ARG A 459 -11.82 -7.27 17.44
C ARG A 459 -11.48 -5.83 17.10
N PHE A 460 -11.98 -5.34 15.95
CA PHE A 460 -11.76 -3.97 15.50
C PHE A 460 -13.08 -3.40 14.96
N LEU A 461 -13.17 -2.08 14.87
CA LEU A 461 -14.30 -1.46 14.19
C LEU A 461 -14.59 -2.17 12.87
N PRO A 462 -15.90 -2.38 12.58
CA PRO A 462 -16.33 -2.97 11.31
C PRO A 462 -15.90 -2.10 10.15
N VAL A 463 -15.40 -2.72 9.09
CA VAL A 463 -14.96 -2.00 7.89
C VAL A 463 -15.44 -2.66 6.59
N GLY A 464 -16.57 -3.37 6.67
CA GLY A 464 -17.14 -4.01 5.47
C GLY A 464 -16.77 -5.47 5.31
N PRO A 465 -17.11 -6.10 4.17
CA PRO A 465 -16.95 -7.54 4.12
C PRO A 465 -15.52 -8.04 4.22
N LEU A 466 -14.54 -7.18 3.96
CA LEU A 466 -13.14 -7.56 4.09
C LEU A 466 -12.57 -7.05 5.41
N HIS A 467 -12.00 -7.95 6.20
CA HIS A 467 -11.57 -7.63 7.57
C HIS A 467 -10.04 -7.57 7.58
N PRO A 468 -9.46 -6.86 8.56
CA PRO A 468 -8.01 -6.94 8.72
C PRO A 468 -7.59 -8.26 9.32
N GLU A 469 -6.30 -8.57 9.22
CA GLU A 469 -5.75 -9.63 10.05
C GLU A 469 -5.51 -9.05 11.44
N ASN A 470 -5.36 -9.92 12.45
CA ASN A 470 -5.07 -9.44 13.78
C ASN A 470 -3.75 -10.01 14.25
N ASP A 471 -2.77 -9.12 14.33
CA ASP A 471 -1.42 -9.46 14.76
C ASP A 471 -1.31 -9.02 16.21
N GLN A 472 -1.27 -10.02 17.08
CA GLN A 472 -1.35 -9.78 18.50
C GLN A 472 0.02 -9.86 19.15
N LEU A 473 0.34 -8.82 19.91
CA LEU A 473 1.61 -8.72 20.61
C LEU A 473 1.44 -9.30 22.01
N ILE A 474 2.35 -10.17 22.38
CA ILE A 474 2.28 -10.91 23.63
C ILE A 474 3.63 -10.81 24.31
N ASP A 475 3.59 -10.39 25.57
CA ASP A 475 4.74 -10.35 26.46
C ASP A 475 5.03 -11.75 27.00
N ILE A 476 6.20 -12.27 26.67
CA ILE A 476 6.62 -13.59 27.12
C ILE A 476 7.80 -13.52 28.10
N SER A 477 8.10 -12.31 28.55
CA SER A 477 9.27 -12.06 29.40
C SER A 477 9.26 -12.79 30.75
N GLY A 478 8.06 -13.13 31.22
CA GLY A 478 7.90 -13.81 32.52
C GLY A 478 7.36 -15.21 32.36
N ASP A 479 6.73 -15.71 33.42
CA ASP A 479 6.25 -17.10 33.44
C ASP A 479 4.91 -17.29 32.73
N GLU A 480 4.06 -16.27 32.79
CA GLU A 480 2.76 -16.34 32.17
C GLU A 480 2.77 -15.42 30.95
N MET A 481 2.38 -15.95 29.79
CA MET A 481 2.17 -15.15 28.56
C MET A 481 1.01 -14.18 28.79
N LYS A 482 1.17 -12.92 28.40
CA LYS A 482 0.12 -11.90 28.55
C LYS A 482 -0.18 -11.16 27.26
N LEU A 483 -1.42 -11.21 26.82
CA LEU A 483 -1.78 -10.50 25.60
C LEU A 483 -1.74 -9.02 25.91
N VAL A 484 -1.01 -8.23 25.12
CA VAL A 484 -0.93 -6.78 25.39
C VAL A 484 -1.46 -5.85 24.30
N HIS A 485 -1.41 -6.29 23.03
CA HIS A 485 -1.83 -5.42 21.92
C HIS A 485 -2.47 -6.20 20.76
N ASP A 486 -3.56 -5.66 20.23
CA ASP A 486 -4.15 -6.16 18.97
C ASP A 486 -3.76 -5.23 17.83
N GLY A 487 -3.03 -5.75 16.84
CA GLY A 487 -2.57 -4.94 15.69
C GLY A 487 -3.25 -5.33 14.38
N PRO A 488 -4.14 -4.45 13.85
CA PRO A 488 -4.76 -4.78 12.58
C PRO A 488 -3.78 -4.55 11.43
N THR A 489 -3.83 -5.42 10.43
CA THR A 489 -2.95 -5.31 9.27
C THR A 489 -3.69 -5.74 8.02
N PHE A 490 -3.31 -5.11 6.90
CA PHE A 490 -3.91 -5.34 5.60
C PHE A 490 -3.32 -6.53 4.85
N ALA A 491 -4.17 -7.26 4.13
CA ALA A 491 -3.71 -8.18 3.06
C ALA A 491 -2.86 -9.33 3.54
N GLU A 492 -3.07 -9.68 4.81
CA GLU A 492 -2.57 -10.91 5.40
C GLU A 492 -1.04 -11.07 5.38
N PRO A 493 -0.39 -10.37 6.29
CA PRO A 493 0.99 -10.69 6.51
C PRO A 493 1.01 -12.14 6.98
N HIS A 494 1.99 -12.89 6.54
CA HIS A 494 2.04 -14.25 7.00
C HIS A 494 2.94 -14.27 8.22
N ASP A 495 4.22 -14.00 7.99
CA ASP A 495 5.20 -14.01 9.04
C ASP A 495 5.80 -12.62 9.15
N CYS A 496 6.56 -12.41 10.22
CA CYS A 496 7.28 -11.18 10.43
C CYS A 496 8.59 -11.55 11.07
N ILE A 497 9.51 -10.60 11.14
CA ILE A 497 10.77 -10.79 11.88
C ILE A 497 11.07 -9.51 12.63
N MET A 498 11.56 -9.64 13.86
CA MET A 498 11.97 -8.50 14.68
C MET A 498 13.49 -8.48 14.80
N ALA A 499 14.07 -7.28 14.91
CA ALA A 499 15.50 -7.11 15.13
C ALA A 499 15.64 -6.02 16.18
N ARG A 500 16.63 -6.14 17.06
CA ARG A 500 16.96 -5.03 17.98
C ARG A 500 17.25 -3.77 17.20
N ARG A 501 16.94 -2.62 17.80
CA ARG A 501 17.30 -1.32 17.24
C ARG A 501 18.77 -1.32 16.85
N ASP A 502 19.63 -1.78 17.76
CA ASP A 502 21.07 -1.74 17.49
C ASP A 502 21.53 -2.67 16.37
N GLN A 503 20.66 -3.59 15.93
CA GLN A 503 21.01 -4.50 14.83
C GLN A 503 20.82 -3.93 13.43
N ILE A 504 20.17 -2.77 13.33
CA ILE A 504 19.91 -2.15 12.03
C ILE A 504 20.54 -0.76 11.96
N LYS A 505 21.46 -0.56 11.00
CA LYS A 505 22.06 0.76 10.75
C LYS A 505 21.66 1.31 9.40
N THR A 506 20.94 2.44 9.43
CA THR A 506 20.43 3.03 8.21
C THR A 506 21.14 4.31 7.79
N LYS A 507 21.20 4.51 6.48
CA LYS A 507 21.72 5.74 5.91
C LYS A 507 20.78 6.92 6.08
N LYS A 508 21.33 8.05 6.48
CA LYS A 508 20.55 9.26 6.68
C LYS A 508 20.24 9.97 5.37
N ILE A 509 21.16 9.87 4.42
CA ILE A 509 21.04 10.40 3.06
C ILE A 509 21.72 9.43 2.09
N TRP A 510 21.43 9.56 0.79
CA TRP A 510 22.03 8.70 -0.21
C TRP A 510 23.50 9.00 -0.46
N ASP A 511 24.23 7.95 -0.86
CA ASP A 511 25.58 8.04 -1.36
C ASP A 511 25.53 8.19 -2.87
N ARG A 512 26.21 9.20 -3.40
CA ARG A 512 26.23 9.42 -4.85
C ARG A 512 26.70 8.21 -5.66
N ASN A 513 27.55 7.38 -5.06
CA ASN A 513 28.03 6.17 -5.73
C ASN A 513 27.15 4.93 -5.53
N ASP A 514 25.94 5.10 -5.01
CA ASP A 514 25.13 3.94 -4.73
C ASP A 514 24.84 3.07 -5.96
N PRO A 515 25.02 1.74 -5.83
CA PRO A 515 24.72 0.77 -6.88
C PRO A 515 23.26 0.80 -7.33
N PHE A 516 22.34 1.21 -6.45
CA PHE A 516 20.92 1.28 -6.82
C PHE A 516 20.69 2.06 -8.11
N PHE A 517 21.38 3.18 -8.28
CA PHE A 517 21.23 3.93 -9.53
C PHE A 517 22.53 4.08 -10.31
N ALA A 518 23.50 3.20 -10.04
CA ALA A 518 24.78 3.28 -10.73
C ALA A 518 24.69 3.22 -12.28
N PRO A 519 23.82 2.35 -12.82
CA PRO A 519 23.64 2.29 -14.28
C PRO A 519 23.15 3.62 -14.89
N THR A 520 22.39 4.37 -14.10
CA THR A 520 21.88 5.66 -14.53
C THR A 520 23.02 6.68 -14.59
N VAL A 521 23.92 6.63 -13.62
CA VAL A 521 25.12 7.47 -13.61
C VAL A 521 25.98 7.20 -14.86
N GLU A 522 26.12 5.92 -15.20
CA GLU A 522 26.90 5.56 -16.39
C GLU A 522 26.21 6.01 -17.69
N MET A 523 24.88 5.94 -17.74
CA MET A 523 24.13 6.53 -18.86
C MET A 523 24.44 8.02 -18.99
N ALA A 524 24.39 8.73 -17.86
CA ALA A 524 24.61 10.17 -17.83
C ALA A 524 26.02 10.53 -18.32
N LYS A 525 27.01 9.77 -17.85
CA LYS A 525 28.41 10.03 -18.21
C LYS A 525 28.68 9.85 -19.71
N LYS A 526 27.96 8.91 -20.31
CA LYS A 526 27.97 8.68 -21.75
C LYS A 526 27.35 9.83 -22.57
N ASP A 527 26.43 10.57 -21.96
CA ASP A 527 25.86 11.79 -22.53
C ASP A 527 26.69 13.03 -22.18
N GLY A 528 27.79 12.83 -21.44
CA GLY A 528 28.66 13.93 -21.00
C GLY A 528 28.05 14.78 -19.89
N ILE A 529 27.16 14.17 -19.10
CA ILE A 529 26.43 14.83 -18.03
C ILE A 529 27.11 14.61 -16.69
N ASN A 530 27.32 15.72 -15.97
CA ASN A 530 27.64 15.70 -14.53
C ASN A 530 26.35 15.92 -13.69
N LEU A 531 25.85 14.82 -13.13
CA LEU A 531 24.51 14.81 -12.53
C LEU A 531 24.38 15.76 -11.34
N ASP A 532 25.51 16.01 -10.67
CA ASP A 532 25.51 16.82 -9.47
C ASP A 532 25.29 18.32 -9.76
N THR A 533 25.52 18.73 -11.01
CA THR A 533 25.49 20.15 -11.34
C THR A 533 24.63 20.49 -12.55
N ASP A 534 24.44 19.52 -13.44
CA ASP A 534 23.99 19.81 -14.82
C ASP A 534 22.48 19.82 -15.06
N ASN A 535 22.07 20.77 -15.90
CA ASN A 535 20.71 20.84 -16.41
C ASN A 535 20.71 20.95 -17.92
N LYS A 536 20.35 19.86 -18.59
CA LYS A 536 20.59 19.74 -20.03
C LYS A 536 19.58 18.81 -20.64
N VAL A 537 19.24 19.09 -21.89
CA VAL A 537 18.33 18.27 -22.68
C VAL A 537 19.16 17.73 -23.82
N ILE A 538 19.21 16.41 -23.94
CA ILE A 538 19.96 15.71 -24.99
C ILE A 538 18.95 15.16 -25.96
N ARG A 539 19.20 15.38 -27.25
CA ARG A 539 18.32 14.86 -28.30
C ARG A 539 19.05 13.82 -29.14
N ASP A 540 18.35 12.74 -29.47
CA ASP A 540 18.92 11.56 -30.11
C ASP A 540 17.81 10.88 -30.91
N GLY A 541 17.65 11.28 -32.18
CA GLY A 541 16.56 10.77 -33.02
C GLY A 541 15.21 11.20 -32.44
N ASN A 542 14.33 10.23 -32.16
CA ASN A 542 13.09 10.53 -31.44
C ASN A 542 13.17 10.35 -29.92
N LYS A 543 14.39 10.20 -29.41
CA LYS A 543 14.63 10.12 -27.98
C LYS A 543 15.04 11.49 -27.43
N VAL A 544 14.51 11.84 -26.27
CA VAL A 544 14.87 13.06 -25.58
C VAL A 544 15.23 12.66 -24.17
N ARG A 545 16.44 13.02 -23.71
CA ARG A 545 16.85 12.75 -22.34
C ARG A 545 17.06 14.05 -21.55
N VAL A 546 16.16 14.32 -20.61
CA VAL A 546 16.27 15.52 -19.80
C VAL A 546 17.03 15.12 -18.54
N TYR A 547 18.05 15.91 -18.21
CA TYR A 547 18.82 15.70 -16.99
C TYR A 547 18.72 16.97 -16.22
N MET A 548 18.35 16.89 -14.95
CA MET A 548 18.17 18.08 -14.13
C MET A 548 18.50 17.81 -12.69
N THR A 549 18.96 18.86 -12.02
CA THR A 549 19.13 18.81 -10.58
C THR A 549 17.81 19.30 -10.01
N SER A 550 17.60 19.10 -8.72
CA SER A 550 16.39 19.62 -8.08
C SER A 550 16.79 20.10 -6.70
N MET A 551 16.29 21.26 -6.33
CA MET A 551 16.63 21.87 -5.06
C MET A 551 15.42 22.68 -4.70
N ALA A 552 14.78 22.31 -3.60
CA ALA A 552 13.52 22.92 -3.21
C ALA A 552 13.67 24.44 -3.20
N PRO A 553 12.64 25.16 -3.65
CA PRO A 553 11.40 24.73 -4.28
C PRO A 553 11.45 24.78 -5.83
N ALA A 554 12.57 24.39 -6.44
CA ALA A 554 12.67 24.49 -7.90
C ALA A 554 13.32 23.29 -8.58
N PHE A 555 12.70 22.81 -9.65
CA PHE A 555 13.31 21.86 -10.59
C PHE A 555 14.38 22.60 -11.39
N GLY A 556 15.51 21.95 -11.69
CA GLY A 556 16.57 22.58 -12.50
C GLY A 556 16.27 22.90 -13.96
N VAL A 557 15.42 22.08 -14.58
CA VAL A 557 14.88 22.37 -15.90
C VAL A 557 13.40 22.59 -15.66
N GLN A 558 12.93 23.82 -15.89
CA GLN A 558 11.53 24.14 -15.58
C GLN A 558 10.60 24.09 -16.81
N GLU A 559 11.21 23.92 -17.98
CA GLU A 559 10.47 23.71 -19.21
C GLU A 559 11.36 23.00 -20.20
N PHE A 560 10.73 22.20 -21.05
CA PHE A 560 11.37 21.64 -22.23
C PHE A 560 10.34 21.32 -23.29
N THR A 561 10.76 21.35 -24.55
CA THR A 561 9.87 21.13 -25.68
C THR A 561 10.26 19.86 -26.42
N VAL A 562 9.27 19.07 -26.79
CA VAL A 562 9.50 17.85 -27.56
C VAL A 562 8.52 17.77 -28.72
N LYS A 563 8.73 16.78 -29.59
CA LYS A 563 7.86 16.51 -30.72
C LYS A 563 6.89 15.39 -30.31
N GLN A 564 5.65 15.43 -30.84
CA GLN A 564 4.68 14.37 -30.57
C GLN A 564 5.26 13.01 -30.96
N GLY A 565 5.17 12.04 -30.05
CA GLY A 565 5.72 10.70 -30.27
C GLY A 565 7.14 10.47 -29.76
N ASP A 566 7.84 11.53 -29.35
CA ASP A 566 9.17 11.37 -28.74
C ASP A 566 9.12 10.49 -27.49
N GLU A 567 10.14 9.66 -27.29
CA GLU A 567 10.29 8.89 -26.05
C GLU A 567 11.14 9.73 -25.09
N VAL A 568 10.56 10.11 -23.95
CA VAL A 568 11.21 11.07 -23.08
C VAL A 568 11.72 10.35 -21.84
N THR A 569 13.00 10.52 -21.55
CA THR A 569 13.54 10.06 -20.30
C THR A 569 13.86 11.28 -19.42
N VAL A 570 13.29 11.34 -18.23
CA VAL A 570 13.62 12.41 -17.32
C VAL A 570 14.46 11.86 -16.16
N THR A 571 15.64 12.46 -15.96
CA THR A 571 16.56 12.02 -14.93
C THR A 571 16.76 13.18 -13.94
N ILE A 572 16.46 12.93 -12.68
CA ILE A 572 16.46 13.98 -11.67
C ILE A 572 17.37 13.59 -10.53
N THR A 573 18.28 14.51 -10.20
CA THR A 573 19.19 14.34 -9.07
C THR A 573 18.87 15.41 -8.02
N ASN A 574 18.49 14.95 -6.83
CA ASN A 574 18.09 15.85 -5.75
C ASN A 574 19.34 16.29 -5.01
N ILE A 575 19.67 17.59 -5.11
CA ILE A 575 20.91 18.09 -4.50
C ILE A 575 20.69 18.89 -3.22
N ASP A 576 19.50 18.79 -2.64
CA ASP A 576 19.29 19.28 -1.26
C ASP A 576 20.14 18.41 -0.35
N GLN A 577 20.81 18.98 0.66
CA GLN A 577 21.58 18.13 1.58
C GLN A 577 20.99 17.95 2.99
N ILE A 578 19.93 18.70 3.31
CA ILE A 578 19.19 18.48 4.56
C ILE A 578 18.44 17.16 4.41
N GLU A 579 18.60 16.29 5.40
CA GLU A 579 17.87 15.02 5.47
C GLU A 579 16.37 15.27 5.43
N ASP A 580 15.65 14.38 4.74
CA ASP A 580 14.19 14.38 4.80
C ASP A 580 13.58 15.37 3.79
N VAL A 581 14.40 16.21 3.14
CA VAL A 581 13.86 17.03 2.03
C VAL A 581 13.79 16.18 0.75
N SER A 582 12.76 15.33 0.67
CA SER A 582 12.51 14.54 -0.53
C SER A 582 11.76 15.36 -1.57
N HIS A 583 12.03 15.08 -2.83
CA HIS A 583 11.25 15.63 -3.95
C HIS A 583 10.47 14.55 -4.66
N GLY A 584 9.48 15.00 -5.42
CA GLY A 584 8.68 14.12 -6.25
C GLY A 584 8.70 14.62 -7.68
N PHE A 585 8.17 13.81 -8.58
CA PHE A 585 8.08 14.21 -9.99
C PHE A 585 6.88 13.50 -10.60
N VAL A 586 5.84 14.27 -10.92
CA VAL A 586 4.67 13.69 -11.55
C VAL A 586 4.36 14.44 -12.86
N VAL A 587 4.09 13.71 -13.93
CA VAL A 587 3.71 14.38 -15.17
C VAL A 587 2.20 14.23 -15.29
N VAL A 588 1.50 15.36 -15.38
CA VAL A 588 0.05 15.30 -15.27
C VAL A 588 -0.57 14.51 -16.42
N ASN A 589 -1.49 13.61 -16.08
CA ASN A 589 -2.25 12.84 -17.06
C ASN A 589 -1.39 11.94 -17.98
N HIS A 590 -0.20 11.58 -17.52
CA HIS A 590 0.70 10.68 -18.30
C HIS A 590 1.05 9.37 -17.63
N GLY A 591 0.55 9.16 -16.40
CA GLY A 591 0.86 7.94 -15.63
C GLY A 591 2.31 7.90 -15.19
N VAL A 592 2.86 9.08 -14.91
CA VAL A 592 4.27 9.17 -14.49
C VAL A 592 4.41 9.74 -13.09
N SER A 593 5.14 9.02 -12.22
CA SER A 593 5.29 9.42 -10.81
C SER A 593 6.52 8.77 -10.20
N MET A 594 7.38 9.55 -9.55
CA MET A 594 8.53 8.97 -8.82
C MET A 594 8.98 9.87 -7.66
N GLU A 595 9.74 9.30 -6.73
CA GLU A 595 10.37 9.94 -5.57
C GLU A 595 11.83 10.17 -5.92
N ILE A 596 12.37 11.29 -5.45
CA ILE A 596 13.83 11.55 -5.46
C ILE A 596 14.23 12.13 -4.10
N SER A 597 14.88 11.31 -3.28
CA SER A 597 15.40 11.69 -1.97
C SER A 597 16.77 12.41 -2.06
N PRO A 598 17.15 13.15 -1.01
CA PRO A 598 18.42 13.90 -1.02
C PRO A 598 19.62 13.04 -1.48
N GLN A 599 20.27 13.50 -2.55
CA GLN A 599 21.44 12.86 -3.14
C GLN A 599 21.13 11.59 -3.94
N GLN A 600 19.85 11.26 -4.11
CA GLN A 600 19.44 10.22 -5.05
C GLN A 600 19.37 10.80 -6.46
N THR A 601 19.63 9.93 -7.45
CA THR A 601 19.26 10.14 -8.85
C THR A 601 18.15 9.13 -9.21
N SER A 602 17.09 9.59 -9.88
CA SER A 602 16.00 8.69 -10.31
C SER A 602 15.62 9.08 -11.73
N SER A 603 15.23 8.10 -12.53
CA SER A 603 14.83 8.36 -13.92
C SER A 603 13.57 7.61 -14.30
N ILE A 604 12.83 8.18 -15.24
CA ILE A 604 11.59 7.58 -15.67
C ILE A 604 11.43 7.90 -17.14
N THR A 605 10.82 6.98 -17.89
CA THR A 605 10.75 7.11 -19.34
C THR A 605 9.28 6.97 -19.75
N PHE A 606 8.82 7.80 -20.68
CA PHE A 606 7.41 7.77 -21.14
C PHE A 606 7.35 8.36 -22.54
N VAL A 607 6.28 8.06 -23.28
CA VAL A 607 6.09 8.63 -24.63
C VAL A 607 5.23 9.89 -24.57
N ALA A 608 5.70 10.97 -25.21
CA ALA A 608 4.90 12.21 -25.31
C ALA A 608 3.92 12.07 -26.46
N ASP A 609 2.81 11.36 -26.22
CA ASP A 609 1.84 11.05 -27.28
C ASP A 609 0.65 12.01 -27.37
N LYS A 610 0.65 13.02 -26.52
CA LYS A 610 -0.38 14.06 -26.54
C LYS A 610 0.23 15.43 -26.81
N PRO A 611 -0.23 16.13 -27.87
CA PRO A 611 0.26 17.48 -28.14
C PRO A 611 -0.22 18.45 -27.07
N GLY A 612 0.46 19.58 -26.94
CA GLY A 612 0.04 20.64 -26.06
C GLY A 612 0.97 20.87 -24.89
N LEU A 613 0.50 21.70 -23.96
CA LEU A 613 1.22 21.98 -22.74
C LEU A 613 0.82 20.94 -21.70
N HIS A 614 1.83 20.33 -21.10
CA HIS A 614 1.59 19.34 -20.07
C HIS A 614 2.46 19.67 -18.88
N TRP A 615 1.81 19.91 -17.74
CA TRP A 615 2.49 20.30 -16.53
C TRP A 615 3.12 19.13 -15.83
N TYR A 616 4.28 19.39 -15.22
CA TYR A 616 4.80 18.47 -14.21
C TYR A 616 5.03 19.14 -12.86
N TYR A 617 4.99 18.36 -11.79
CA TYR A 617 5.08 18.95 -10.47
C TYR A 617 5.77 18.06 -9.48
N CYS A 618 6.18 18.67 -8.39
CA CYS A 618 6.80 17.94 -7.30
C CYS A 618 5.73 17.43 -6.35
N SER A 619 5.70 16.11 -6.16
CA SER A 619 4.67 15.51 -5.34
C SER A 619 5.02 15.46 -3.84
N TRP A 620 6.27 15.61 -3.47
CA TRP A 620 6.64 15.49 -2.05
C TRP A 620 6.74 16.85 -1.43
N PHE A 621 5.93 17.10 -0.39
CA PHE A 621 5.88 18.44 0.22
C PHE A 621 7.22 18.75 0.84
N CYS A 622 7.86 19.81 0.34
CA CYS A 622 9.30 19.95 0.51
C CYS A 622 9.75 21.30 1.01
N HIS A 623 8.86 22.28 0.89
CA HIS A 623 9.20 23.68 1.07
C HIS A 623 7.88 24.41 1.14
N ALA A 624 7.90 25.60 1.74
CA ALA A 624 6.71 26.46 1.78
C ALA A 624 6.17 26.72 0.37
N LEU A 625 7.06 26.70 -0.63
CA LEU A 625 6.67 26.97 -2.00
C LEU A 625 6.60 25.68 -2.83
N HIS A 626 6.23 24.59 -2.15
CA HIS A 626 5.91 23.29 -2.74
C HIS A 626 4.98 23.41 -3.92
N MET A 627 3.84 24.08 -3.71
CA MET A 627 2.81 24.14 -4.75
C MET A 627 3.38 24.75 -6.03
N GLU A 628 4.34 25.67 -5.88
CA GLU A 628 4.95 26.34 -6.99
C GLU A 628 6.13 25.58 -7.62
N MET A 629 6.50 24.43 -7.05
CA MET A 629 7.59 23.63 -7.64
C MET A 629 7.05 22.79 -8.83
N VAL A 630 7.06 23.44 -9.99
CA VAL A 630 6.43 22.90 -11.19
C VAL A 630 7.29 23.15 -12.45
N GLY A 631 6.82 22.64 -13.58
CA GLY A 631 7.48 22.83 -14.86
C GLY A 631 6.55 22.48 -16.01
N ARG A 632 7.00 22.71 -17.24
CA ARG A 632 6.12 22.58 -18.40
C ARG A 632 6.80 21.72 -19.45
N MET A 633 6.16 20.65 -19.88
CA MET A 633 6.60 19.93 -21.06
C MET A 633 5.73 20.40 -22.22
N MET A 634 6.34 20.93 -23.26
CA MET A 634 5.56 21.42 -24.40
C MET A 634 5.73 20.45 -25.54
N VAL A 635 4.62 19.94 -26.04
CA VAL A 635 4.65 18.91 -27.08
C VAL A 635 4.11 19.47 -28.38
N GLU A 636 4.99 19.52 -29.38
CA GLU A 636 4.66 20.05 -30.71
C GLU A 636 3.88 19.01 -31.50
N PRO A 637 2.85 19.45 -32.23
CA PRO A 637 1.98 18.51 -32.95
C PRO A 637 2.73 17.66 -33.97
N ALA A 638 2.27 16.42 -34.14
CA ALA A 638 2.91 15.44 -35.02
C ALA A 638 2.99 15.97 -36.45
N GLN B 58 -9.33 12.35 28.86
CA GLN B 58 -10.10 11.41 27.99
C GLN B 58 -9.22 10.33 27.33
N LYS B 59 -9.79 9.13 27.21
CA LYS B 59 -9.37 8.08 26.27
C LYS B 59 -7.87 7.83 26.08
N ILE B 60 -7.44 7.90 24.82
CA ILE B 60 -6.09 7.58 24.29
C ILE B 60 -5.81 6.09 23.97
N HIS B 61 -5.74 5.23 24.99
CA HIS B 61 -5.37 3.83 24.79
C HIS B 61 -6.57 2.87 24.63
N VAL B 62 -6.57 2.14 23.51
CA VAL B 62 -7.61 1.19 23.19
C VAL B 62 -6.99 -0.21 23.31
N GLY B 63 -7.25 -0.88 24.43
CA GLY B 63 -6.67 -2.18 24.72
C GLY B 63 -7.34 -3.32 23.97
N PRO B 64 -6.78 -4.54 24.06
CA PRO B 64 -7.34 -5.67 23.31
C PRO B 64 -8.77 -5.96 23.75
N GLY B 65 -9.66 -6.18 22.77
CA GLY B 65 -11.06 -6.41 23.06
C GLY B 65 -11.88 -5.12 23.06
N GLU B 66 -11.19 -3.98 23.18
CA GLU B 66 -11.84 -2.64 23.19
C GLU B 66 -11.85 -2.09 21.78
N LEU B 67 -12.85 -1.25 21.49
CA LEU B 67 -13.01 -0.66 20.15
C LEU B 67 -12.75 0.86 20.14
N ASP B 68 -12.20 1.36 19.03
CA ASP B 68 -12.00 2.80 18.83
C ASP B 68 -13.32 3.57 18.87
N ASP B 69 -13.26 4.89 19.07
CA ASP B 69 -14.47 5.74 19.20
C ASP B 69 -14.85 6.47 17.91
N TYR B 70 -13.88 6.70 17.02
CA TYR B 70 -14.12 7.30 15.73
C TYR B 70 -13.45 6.50 14.64
N TYR B 71 -13.98 6.65 13.45
CA TYR B 71 -13.26 6.24 12.25
C TYR B 71 -12.47 7.42 11.76
N GLY B 72 -11.23 7.17 11.28
CA GLY B 72 -10.51 8.18 10.52
C GLY B 72 -10.40 7.67 9.10
N PHE B 73 -10.59 8.56 8.11
CA PHE B 73 -10.28 8.25 6.74
C PHE B 73 -9.15 9.14 6.31
N TRP B 74 -8.02 8.51 6.03
CA TRP B 74 -6.80 9.21 5.70
C TRP B 74 -6.62 9.14 4.19
N SER B 75 -6.24 10.25 3.57
N SER B 75 -6.22 10.26 3.60
CA SER B 75 -5.84 10.19 2.17
CA SER B 75 -5.73 10.27 2.23
C SER B 75 -4.53 9.42 2.13
C SER B 75 -4.51 9.37 2.17
N GLY B 76 -4.32 8.68 1.04
CA GLY B 76 -3.08 7.89 0.86
C GLY B 76 -1.96 8.64 0.17
N GLY B 77 -2.16 9.94 -0.07
CA GLY B 77 -1.19 10.78 -0.78
C GLY B 77 -0.76 10.28 -2.15
N HIS B 78 0.54 10.35 -2.42
CA HIS B 78 1.11 10.01 -3.72
C HIS B 78 1.07 8.49 -3.95
N GLN B 79 0.61 7.79 -2.93
CA GLN B 79 0.42 6.35 -3.04
C GLN B 79 -0.91 5.95 -3.70
N GLY B 80 -1.93 6.79 -3.55
CA GLY B 80 -3.12 6.59 -4.37
C GLY B 80 -4.35 5.93 -3.74
N GLU B 81 -4.23 5.45 -2.51
CA GLU B 81 -5.31 4.70 -1.88
C GLU B 81 -5.99 5.60 -0.84
N VAL B 82 -7.05 5.11 -0.21
CA VAL B 82 -7.57 5.72 1.05
C VAL B 82 -7.41 4.74 2.21
N ARG B 83 -7.06 5.25 3.39
CA ARG B 83 -6.79 4.36 4.52
C ARG B 83 -7.79 4.60 5.66
N VAL B 84 -8.31 3.50 6.21
CA VAL B 84 -9.27 3.57 7.33
C VAL B 84 -8.54 3.31 8.62
N LEU B 85 -8.66 4.23 9.56
CA LEU B 85 -8.01 4.12 10.86
C LEU B 85 -9.06 4.14 11.95
N GLY B 86 -8.66 3.65 13.13
CA GLY B 86 -9.52 3.80 14.29
C GLY B 86 -8.88 4.90 15.10
N VAL B 87 -9.72 5.80 15.61
CA VAL B 87 -9.24 6.90 16.43
C VAL B 87 -9.92 6.73 17.81
N PRO B 88 -9.15 6.90 18.91
CA PRO B 88 -7.80 7.46 19.09
C PRO B 88 -6.60 6.51 19.01
N SER B 89 -6.78 5.23 18.68
CA SER B 89 -5.63 4.30 18.65
C SER B 89 -4.70 4.60 17.49
N MET B 90 -5.27 5.16 16.42
CA MET B 90 -4.56 5.58 15.20
C MET B 90 -4.07 4.40 14.36
N ARG B 91 -4.64 3.22 14.63
CA ARG B 91 -4.22 1.98 13.96
C ARG B 91 -4.97 1.91 12.67
N GLU B 92 -4.31 1.38 11.64
CA GLU B 92 -4.93 1.24 10.32
C GLU B 92 -5.77 -0.02 10.20
N LEU B 93 -7.07 0.16 9.99
CA LEU B 93 -8.01 -0.97 9.92
C LEU B 93 -8.16 -1.58 8.55
N MET B 94 -8.04 -0.76 7.50
CA MET B 94 -8.31 -1.19 6.13
C MET B 94 -7.67 -0.26 5.12
N ARG B 95 -7.24 -0.81 3.99
CA ARG B 95 -6.84 0.03 2.87
C ARG B 95 -7.89 -0.15 1.79
N ILE B 96 -8.28 0.96 1.19
CA ILE B 96 -9.21 0.94 0.08
C ILE B 96 -8.47 1.43 -1.14
N PRO B 97 -8.26 0.54 -2.14
CA PRO B 97 -7.53 0.92 -3.35
C PRO B 97 -8.40 1.86 -4.18
N VAL B 98 -7.81 2.88 -4.80
CA VAL B 98 -8.56 3.84 -5.61
C VAL B 98 -7.77 4.09 -6.89
N PHE B 99 -6.66 4.82 -6.78
CA PHE B 99 -5.89 5.13 -7.96
C PHE B 99 -4.66 4.22 -8.12
N ASN B 100 -4.35 3.52 -7.05
CA ASN B 100 -3.27 2.53 -7.04
C ASN B 100 -3.75 1.19 -7.60
N VAL B 101 -2.80 0.33 -7.97
CA VAL B 101 -3.13 -1.04 -8.37
C VAL B 101 -2.78 -1.94 -7.18
N ASP B 102 -3.77 -2.66 -6.64
CA ASP B 102 -3.61 -3.44 -5.42
C ASP B 102 -3.53 -4.89 -5.82
N SER B 103 -2.35 -5.47 -5.58
CA SER B 103 -2.10 -6.89 -5.77
C SER B 103 -3.07 -7.77 -4.97
N ALA B 104 -3.38 -7.37 -3.74
CA ALA B 104 -4.19 -8.24 -2.86
C ALA B 104 -5.63 -8.46 -3.33
N THR B 105 -6.35 -7.37 -3.58
CA THR B 105 -7.77 -7.49 -3.94
C THR B 105 -7.92 -7.56 -5.43
N GLY B 106 -6.84 -7.27 -6.14
CA GLY B 106 -6.91 -7.18 -7.58
C GLY B 106 -7.53 -5.91 -8.14
N TRP B 107 -7.65 -4.86 -7.33
CA TRP B 107 -8.06 -3.57 -7.86
C TRP B 107 -7.06 -3.06 -8.93
N GLY B 108 -7.54 -2.90 -10.18
CA GLY B 108 -6.74 -2.46 -11.33
C GLY B 108 -6.47 -3.63 -12.26
N LEU B 109 -6.80 -4.83 -11.77
CA LEU B 109 -6.64 -6.06 -12.54
C LEU B 109 -7.98 -6.72 -12.86
N THR B 110 -8.89 -6.74 -11.90
CA THR B 110 -10.22 -7.34 -12.13
C THR B 110 -11.03 -6.55 -13.16
N ASN B 111 -12.02 -7.22 -13.76
CA ASN B 111 -12.92 -6.56 -14.73
C ASN B 111 -13.81 -5.52 -14.04
N GLU B 112 -14.23 -5.82 -12.80
CA GLU B 112 -15.12 -4.91 -12.05
C GLU B 112 -14.43 -3.57 -11.80
N SER B 113 -13.18 -3.64 -11.36
CA SER B 113 -12.37 -2.46 -11.02
C SER B 113 -12.02 -1.66 -12.27
N ARG B 114 -11.71 -2.38 -13.35
CA ARG B 114 -11.22 -1.73 -14.54
C ARG B 114 -12.36 -1.02 -15.27
N HIS B 115 -13.55 -1.58 -15.13
CA HIS B 115 -14.77 -0.94 -15.66
C HIS B 115 -15.05 0.35 -14.90
N ILE B 116 -14.88 0.32 -13.58
CA ILE B 116 -15.00 1.51 -12.74
C ILE B 116 -14.01 2.63 -13.12
N MET B 117 -12.75 2.26 -13.32
CA MET B 117 -11.70 3.21 -13.75
C MET B 117 -11.84 3.75 -15.18
N GLY B 118 -12.48 2.99 -16.07
CA GLY B 118 -12.58 3.37 -17.49
C GLY B 118 -11.26 3.39 -18.22
N ASP B 119 -11.09 4.34 -19.15
CA ASP B 119 -9.82 4.47 -19.86
C ASP B 119 -8.65 4.70 -18.90
N SER B 120 -8.95 5.25 -17.71
CA SER B 120 -7.90 5.57 -16.73
C SER B 120 -7.23 4.37 -16.05
N ALA B 121 -7.83 3.20 -16.20
CA ALA B 121 -7.25 1.95 -15.70
C ALA B 121 -5.83 1.72 -16.26
N LYS B 122 -5.50 2.42 -17.34
CA LYS B 122 -4.16 2.31 -17.96
C LYS B 122 -3.07 2.98 -17.10
N PHE B 123 -3.49 3.82 -16.15
CA PHE B 123 -2.55 4.49 -15.22
C PHE B 123 -2.34 3.67 -13.96
N LEU B 124 -1.08 3.58 -13.50
CA LEU B 124 -0.78 2.83 -12.28
C LEU B 124 -0.60 3.71 -11.06
N ASN B 125 -0.82 5.02 -11.20
CA ASN B 125 -0.55 6.00 -10.15
C ASN B 125 -1.71 6.95 -9.87
N GLY B 126 -1.69 7.58 -8.71
CA GLY B 126 -2.58 8.71 -8.46
C GLY B 126 -1.96 9.54 -7.37
N ASP B 127 -2.58 10.65 -7.05
CA ASP B 127 -2.01 11.48 -6.03
C ASP B 127 -3.16 12.10 -5.30
N CYS B 128 -3.53 11.56 -4.15
CA CYS B 128 -4.68 12.10 -3.45
C CYS B 128 -4.36 12.92 -2.20
N HIS B 129 -5.28 13.83 -1.87
CA HIS B 129 -5.03 14.84 -0.84
C HIS B 129 -6.22 15.02 0.10
N HIS B 130 -7.42 15.01 -0.47
CA HIS B 130 -8.55 15.60 0.24
C HIS B 130 -9.76 14.69 0.32
N PRO B 131 -9.83 13.89 1.40
CA PRO B 131 -10.98 13.00 1.59
C PRO B 131 -12.13 13.71 2.32
N HIS B 132 -13.34 13.52 1.82
CA HIS B 132 -14.51 14.18 2.39
C HIS B 132 -15.77 13.31 2.35
N ILE B 133 -16.51 13.34 3.47
CA ILE B 133 -17.70 12.52 3.69
C ILE B 133 -18.98 13.31 3.39
N SER B 134 -19.88 12.70 2.63
CA SER B 134 -21.18 13.28 2.29
C SER B 134 -21.97 13.68 3.53
N MET B 135 -22.74 14.74 3.35
CA MET B 135 -23.42 15.39 4.43
C MET B 135 -24.90 15.57 4.12
N THR B 136 -25.68 15.50 5.18
CA THR B 136 -27.09 15.88 5.15
C THR B 136 -27.31 16.92 6.25
N ASP B 137 -27.81 18.09 5.86
N ASP B 137 -27.87 18.05 5.81
CA ASP B 137 -28.12 19.15 6.82
CA ASP B 137 -28.07 19.27 6.58
C ASP B 137 -26.91 19.61 7.64
C ASP B 137 -26.95 19.58 7.57
N GLY B 138 -25.76 19.74 6.98
CA GLY B 138 -24.54 20.11 7.68
C GLY B 138 -23.96 19.08 8.63
N LYS B 139 -24.35 17.82 8.47
CA LYS B 139 -23.88 16.72 9.33
C LYS B 139 -23.47 15.52 8.47
N TYR B 140 -22.49 14.72 8.92
CA TYR B 140 -22.08 13.53 8.12
C TYR B 140 -23.21 12.51 8.03
N ASP B 141 -23.49 12.06 6.82
CA ASP B 141 -24.54 11.04 6.65
C ASP B 141 -23.99 9.64 6.42
N GLY B 142 -22.68 9.54 6.29
CA GLY B 142 -22.00 8.25 6.22
C GLY B 142 -22.25 7.47 4.94
N LYS B 143 -22.76 8.11 3.90
CA LYS B 143 -23.01 7.39 2.65
C LYS B 143 -21.75 7.21 1.79
N TYR B 144 -21.11 8.32 1.45
CA TYR B 144 -19.99 8.28 0.50
C TYR B 144 -18.80 9.04 1.01
N LEU B 145 -17.61 8.59 0.62
CA LEU B 145 -16.41 9.40 0.75
C LEU B 145 -15.92 9.76 -0.67
N PHE B 146 -15.47 11.00 -0.83
CA PHE B 146 -14.94 11.48 -2.14
C PHE B 146 -13.48 11.88 -2.02
N ILE B 147 -12.70 11.63 -3.07
CA ILE B 147 -11.29 11.99 -3.03
C ILE B 147 -10.77 12.41 -4.40
N ASN B 148 -9.79 13.32 -4.41
CA ASN B 148 -9.15 13.77 -5.65
C ASN B 148 -7.95 12.95 -6.09
N ASP B 149 -7.61 13.12 -7.36
CA ASP B 149 -6.34 12.64 -7.92
C ASP B 149 -5.71 13.81 -8.71
N LYS B 150 -4.63 14.38 -8.16
CA LYS B 150 -3.90 15.47 -8.79
C LYS B 150 -3.06 14.96 -9.96
N ALA B 151 -2.63 13.70 -9.91
CA ALA B 151 -1.71 13.20 -10.93
C ALA B 151 -2.37 13.02 -12.30
N ASN B 152 -3.52 12.36 -12.32
CA ASN B 152 -4.23 12.07 -13.57
C ASN B 152 -5.66 12.65 -13.65
N SER B 153 -5.90 13.67 -12.82
CA SER B 153 -7.07 14.57 -13.00
C SER B 153 -8.44 13.87 -12.82
N ARG B 154 -8.62 13.23 -11.66
CA ARG B 154 -9.79 12.39 -11.37
C ARG B 154 -10.44 12.74 -10.04
N VAL B 155 -11.68 12.29 -9.87
CA VAL B 155 -12.35 12.28 -8.59
C VAL B 155 -12.94 10.88 -8.44
N ALA B 156 -12.83 10.32 -7.25
CA ALA B 156 -13.36 9.01 -6.99
C ALA B 156 -14.37 9.06 -5.86
N ARG B 157 -15.35 8.17 -5.93
CA ARG B 157 -16.32 7.94 -4.87
C ARG B 157 -16.15 6.55 -4.25
N ILE B 158 -16.13 6.55 -2.92
CA ILE B 158 -16.05 5.35 -2.12
C ILE B 158 -17.41 5.19 -1.42
N ARG B 159 -18.01 4.00 -1.51
CA ARG B 159 -19.21 3.67 -0.73
C ARG B 159 -18.81 3.19 0.67
N LEU B 160 -19.24 3.91 1.68
CA LEU B 160 -18.85 3.65 3.05
C LEU B 160 -19.47 2.39 3.67
N ASP B 161 -20.41 1.77 2.96
CA ASP B 161 -21.07 0.58 3.48
C ASP B 161 -20.27 -0.69 3.14
N ILE B 162 -19.53 -0.65 2.04
CA ILE B 162 -18.73 -1.78 1.60
C ILE B 162 -17.24 -1.45 1.62
N MET B 163 -16.93 -0.18 1.86
CA MET B 163 -15.55 0.32 1.88
C MET B 163 -14.79 -0.02 0.60
N LYS B 164 -15.42 0.33 -0.54
CA LYS B 164 -14.79 0.22 -1.85
C LYS B 164 -15.13 1.42 -2.70
N CYS B 165 -14.23 1.72 -3.62
CA CYS B 165 -14.43 2.74 -4.60
C CYS B 165 -15.42 2.15 -5.60
N ASP B 166 -16.54 2.84 -5.78
CA ASP B 166 -17.52 2.35 -6.73
C ASP B 166 -17.69 3.17 -8.01
N LYS B 167 -17.23 4.41 -7.98
CA LYS B 167 -17.24 5.29 -9.15
C LYS B 167 -15.98 6.14 -9.24
N MET B 168 -15.65 6.51 -10.46
CA MET B 168 -14.47 7.32 -10.79
C MET B 168 -14.72 8.11 -12.07
N ILE B 169 -14.27 9.36 -12.08
CA ILE B 169 -14.37 10.16 -13.28
C ILE B 169 -13.06 10.92 -13.53
N THR B 170 -12.67 11.00 -14.81
CA THR B 170 -11.63 11.92 -15.24
C THR B 170 -12.32 13.22 -15.61
N VAL B 171 -11.98 14.28 -14.90
CA VAL B 171 -12.55 15.60 -15.17
C VAL B 171 -12.06 16.09 -16.54
N PRO B 172 -13.00 16.41 -17.46
CA PRO B 172 -12.65 16.81 -18.81
C PRO B 172 -12.03 18.22 -18.94
N ASN B 173 -11.08 18.36 -19.85
CA ASN B 173 -10.49 19.66 -20.23
C ASN B 173 -9.79 20.41 -19.11
N VAL B 174 -9.14 19.67 -18.21
CA VAL B 174 -8.40 20.28 -17.08
C VAL B 174 -7.11 19.49 -16.85
N GLN B 175 -6.21 20.06 -16.04
CA GLN B 175 -5.03 19.33 -15.58
C GLN B 175 -4.93 19.53 -14.09
N ALA B 176 -4.93 18.41 -13.35
CA ALA B 176 -4.55 18.34 -11.93
C ALA B 176 -5.67 18.71 -10.92
N ILE B 177 -6.44 17.72 -10.50
CA ILE B 177 -7.53 17.98 -9.53
C ILE B 177 -6.94 17.97 -8.12
N HIS B 178 -6.99 19.12 -7.46
CA HIS B 178 -6.36 19.24 -6.18
C HIS B 178 -7.38 19.50 -5.06
N GLY B 179 -7.71 20.77 -4.81
CA GLY B 179 -8.77 21.07 -3.85
C GLY B 179 -10.06 20.35 -4.14
N LEU B 180 -10.70 19.82 -3.10
CA LEU B 180 -11.97 19.13 -3.24
C LEU B 180 -12.71 19.29 -1.92
N ARG B 181 -13.98 19.66 -2.01
CA ARG B 181 -14.86 19.65 -0.86
C ARG B 181 -16.28 19.47 -1.33
N LEU B 182 -17.13 19.16 -0.37
CA LEU B 182 -18.50 18.80 -0.64
C LEU B 182 -19.50 19.84 -0.14
N GLN B 183 -20.55 19.99 -0.93
CA GLN B 183 -21.74 20.74 -0.48
C GLN B 183 -22.29 20.19 0.85
N LYS B 184 -22.69 21.12 1.72
CA LYS B 184 -23.05 20.79 3.12
C LYS B 184 -24.55 20.78 3.35
N VAL B 185 -25.23 21.67 2.64
CA VAL B 185 -26.64 21.97 2.88
C VAL B 185 -27.29 22.25 1.52
N PRO B 186 -28.50 21.71 1.28
CA PRO B 186 -29.29 20.87 2.19
C PRO B 186 -28.65 19.51 2.42
N HIS B 187 -27.94 19.02 1.39
CA HIS B 187 -27.08 17.85 1.46
C HIS B 187 -26.03 17.93 0.35
N THR B 188 -25.18 16.90 0.25
CA THR B 188 -24.17 16.87 -0.80
C THR B 188 -24.80 16.56 -2.16
N LYS B 189 -25.27 17.59 -2.84
CA LYS B 189 -25.71 17.43 -4.24
C LYS B 189 -24.51 17.48 -5.17
N TYR B 190 -23.54 18.33 -4.83
CA TYR B 190 -22.33 18.52 -5.63
C TYR B 190 -21.07 18.20 -4.91
N VAL B 191 -20.14 17.64 -5.69
CA VAL B 191 -18.76 17.53 -5.32
C VAL B 191 -18.05 18.71 -6.01
N PHE B 192 -17.40 19.56 -5.24
CA PHE B 192 -16.61 20.66 -5.79
C PHE B 192 -15.13 20.31 -5.89
N ALA B 193 -14.53 20.59 -7.05
CA ALA B 193 -13.14 20.19 -7.27
C ALA B 193 -12.36 21.20 -8.09
N ASN B 194 -11.21 21.61 -7.58
CA ASN B 194 -10.33 22.58 -8.27
C ASN B 194 -9.39 21.90 -9.25
N ALA B 195 -9.38 22.36 -10.50
CA ALA B 195 -8.25 22.17 -11.39
C ALA B 195 -7.17 23.24 -11.12
N GLU B 196 -6.01 22.78 -10.71
CA GLU B 196 -4.96 23.68 -10.26
C GLU B 196 -4.21 24.44 -11.34
N PHE B 197 -3.99 23.80 -12.49
CA PHE B 197 -3.04 24.29 -13.51
C PHE B 197 -3.66 24.93 -14.74
N ILE B 198 -3.20 26.14 -15.07
CA ILE B 198 -3.68 26.85 -16.26
C ILE B 198 -3.20 26.17 -17.56
N ILE B 199 -4.14 25.89 -18.46
CA ILE B 199 -3.81 25.28 -19.76
C ILE B 199 -4.48 25.99 -20.94
N PRO B 200 -3.97 25.77 -22.16
CA PRO B 200 -4.59 26.28 -23.38
C PRO B 200 -5.85 25.49 -23.70
N HIS B 201 -6.80 26.12 -24.41
CA HIS B 201 -8.02 25.47 -24.85
C HIS B 201 -8.34 25.93 -26.26
N PRO B 202 -8.21 25.05 -27.26
CA PRO B 202 -7.80 23.66 -27.09
C PRO B 202 -6.32 23.55 -26.77
N ASN B 203 -5.92 22.37 -26.28
CA ASN B 203 -4.55 22.12 -25.93
C ASN B 203 -3.97 21.17 -26.97
N ASP B 204 -3.77 21.74 -28.16
CA ASP B 204 -3.39 20.99 -29.36
C ASP B 204 -1.93 21.22 -29.82
N GLY B 205 -1.16 21.97 -29.04
CA GLY B 205 0.24 22.25 -29.39
C GLY B 205 0.46 23.49 -30.23
N LYS B 206 -0.61 24.12 -30.71
CA LYS B 206 -0.48 25.37 -31.46
C LYS B 206 -0.10 26.54 -30.57
N VAL B 207 -0.61 26.55 -29.34
CA VAL B 207 -0.30 27.63 -28.41
C VAL B 207 0.07 27.07 -27.04
N PHE B 208 1.15 27.61 -26.47
CA PHE B 208 1.62 27.22 -25.14
C PHE B 208 1.51 28.36 -24.12
N ASP B 209 1.19 29.57 -24.60
CA ASP B 209 1.17 30.77 -23.77
C ASP B 209 0.04 30.77 -22.73
N LEU B 210 0.39 31.03 -21.47
CA LEU B 210 -0.58 31.12 -20.39
C LEU B 210 -1.42 32.39 -20.43
N GLN B 211 -0.88 33.44 -21.06
CA GLN B 211 -1.53 34.74 -21.12
C GLN B 211 -2.53 34.80 -22.26
N ASP B 212 -2.55 33.75 -23.07
CA ASP B 212 -3.53 33.65 -24.14
C ASP B 212 -4.92 33.76 -23.51
N GLU B 213 -5.81 34.46 -24.19
CA GLU B 213 -7.16 34.64 -23.69
C GLU B 213 -7.91 33.32 -23.60
N ASN B 214 -7.42 32.30 -24.31
CA ASN B 214 -8.02 30.97 -24.21
C ASN B 214 -7.27 30.02 -23.28
N SER B 215 -6.33 30.55 -22.49
CA SER B 215 -5.63 29.76 -21.48
C SER B 215 -6.20 30.07 -20.10
N TYR B 216 -6.64 29.02 -19.40
CA TYR B 216 -7.24 29.22 -18.10
C TYR B 216 -7.37 27.88 -17.37
N THR B 217 -7.81 27.94 -16.13
CA THR B 217 -8.29 26.74 -15.48
C THR B 217 -9.78 26.92 -15.10
N MET B 218 -10.41 25.81 -14.71
CA MET B 218 -11.84 25.82 -14.34
C MET B 218 -12.13 25.21 -12.97
N TYR B 219 -13.20 25.70 -12.36
CA TYR B 219 -13.77 25.14 -11.14
C TYR B 219 -14.78 24.10 -11.59
N ASN B 220 -14.84 22.98 -10.86
CA ASN B 220 -15.61 21.81 -11.34
C ASN B 220 -16.66 21.37 -10.35
N ALA B 221 -17.85 21.10 -10.85
CA ALA B 221 -18.85 20.50 -9.98
C ALA B 221 -19.30 19.18 -10.58
N ILE B 222 -19.36 18.19 -9.71
CA ILE B 222 -19.71 16.85 -10.09
C ILE B 222 -20.93 16.44 -9.30
N ASP B 223 -21.94 15.91 -10.00
CA ASP B 223 -23.09 15.30 -9.34
C ASP B 223 -22.66 14.15 -8.41
N ALA B 224 -22.87 14.30 -7.09
CA ALA B 224 -22.41 13.28 -6.12
C ALA B 224 -23.05 11.90 -6.28
N GLU B 225 -24.32 11.87 -6.71
CA GLU B 225 -25.07 10.63 -6.92
C GLU B 225 -24.75 9.94 -8.23
N THR B 226 -24.62 10.70 -9.31
CA THR B 226 -24.39 10.05 -10.62
C THR B 226 -22.92 9.96 -10.97
N MET B 227 -22.10 10.77 -10.31
CA MET B 227 -20.66 10.90 -10.62
C MET B 227 -20.40 11.28 -12.08
N GLU B 228 -21.32 12.07 -12.63
CA GLU B 228 -21.10 12.72 -13.89
C GLU B 228 -20.94 14.21 -13.60
N MET B 229 -20.23 14.89 -14.48
CA MET B 229 -20.01 16.31 -14.38
C MET B 229 -21.34 17.03 -14.38
N ALA B 230 -21.46 18.06 -13.55
CA ALA B 230 -22.64 18.91 -13.55
C ALA B 230 -22.39 20.22 -14.30
N PHE B 231 -21.23 20.81 -14.08
CA PHE B 231 -20.82 22.05 -14.78
C PHE B 231 -19.37 22.38 -14.49
N GLN B 232 -18.84 23.33 -15.26
CA GLN B 232 -17.52 23.87 -14.99
C GLN B 232 -17.58 25.39 -15.07
N VAL B 233 -16.79 26.07 -14.24
CA VAL B 233 -16.73 27.53 -14.28
C VAL B 233 -15.32 28.01 -14.57
N ILE B 234 -15.13 28.67 -15.70
CA ILE B 234 -13.85 29.29 -16.04
C ILE B 234 -13.54 30.43 -15.04
N VAL B 235 -12.31 30.43 -14.54
CA VAL B 235 -11.86 31.45 -13.62
C VAL B 235 -10.61 32.15 -14.16
N ASP B 236 -10.35 33.34 -13.61
CA ASP B 236 -9.06 34.01 -13.72
C ASP B 236 -8.08 33.31 -12.77
N GLY B 237 -6.79 33.51 -12.98
CA GLY B 237 -5.72 32.95 -12.12
C GLY B 237 -5.87 31.44 -12.00
N ASN B 238 -5.75 30.92 -10.79
CA ASN B 238 -5.83 29.48 -10.61
C ASN B 238 -6.60 29.07 -9.37
N LEU B 239 -6.54 27.78 -9.05
CA LEU B 239 -7.33 27.22 -7.98
C LEU B 239 -6.47 26.32 -7.11
N ASP B 240 -6.60 26.45 -5.80
CA ASP B 240 -5.80 25.66 -4.89
C ASP B 240 -6.69 24.81 -3.98
N ASN B 241 -7.22 25.38 -2.90
CA ASN B 241 -8.18 24.67 -2.03
C ASN B 241 -9.57 25.30 -2.10
N THR B 242 -10.56 24.55 -1.64
CA THR B 242 -11.97 24.95 -1.75
C THR B 242 -12.84 24.54 -0.53
N ASP B 243 -13.86 25.35 -0.21
CA ASP B 243 -14.87 24.93 0.78
C ASP B 243 -16.22 25.49 0.37
N ALA B 244 -17.26 25.07 1.08
CA ALA B 244 -18.63 25.46 0.75
C ALA B 244 -19.29 25.98 2.02
N ASP B 245 -20.35 26.77 1.87
CA ASP B 245 -21.03 27.33 3.04
C ASP B 245 -22.04 26.36 3.62
N TYR B 246 -22.83 26.83 4.58
CA TYR B 246 -23.86 26.02 5.19
C TYR B 246 -25.29 26.31 4.65
N THR B 247 -25.41 26.64 3.37
CA THR B 247 -26.74 26.90 2.75
C THR B 247 -26.91 26.32 1.35
N GLY B 248 -25.79 26.19 0.64
CA GLY B 248 -25.80 25.59 -0.70
C GLY B 248 -25.65 26.65 -1.77
N ARG B 249 -25.70 27.90 -1.36
CA ARG B 249 -25.55 29.01 -2.29
C ARG B 249 -24.11 29.32 -2.67
N PHE B 250 -23.20 29.36 -1.70
CA PHE B 250 -21.85 29.82 -2.01
C PHE B 250 -20.78 28.74 -1.81
N ALA B 251 -19.76 28.84 -2.66
CA ALA B 251 -18.55 28.03 -2.53
C ALA B 251 -17.39 29.01 -2.64
N ALA B 252 -16.19 28.59 -2.25
CA ALA B 252 -15.05 29.51 -2.31
C ALA B 252 -13.81 28.72 -2.62
N ALA B 253 -12.87 29.39 -3.25
CA ALA B 253 -11.55 28.78 -3.49
C ALA B 253 -10.39 29.79 -3.41
N THR B 254 -9.24 29.32 -2.94
CA THR B 254 -8.03 30.14 -2.92
C THR B 254 -7.33 30.07 -4.27
N CYS B 255 -6.65 31.16 -4.62
CA CYS B 255 -5.82 31.26 -5.82
C CYS B 255 -4.42 31.71 -5.39
N TYR B 256 -3.39 31.06 -5.93
CA TYR B 256 -2.03 31.54 -5.70
C TYR B 256 -1.34 32.15 -6.94
N ASN B 257 -1.89 31.92 -8.13
CA ASN B 257 -1.31 32.40 -9.38
C ASN B 257 -2.22 33.39 -10.14
N SER B 258 -2.58 34.50 -9.49
CA SER B 258 -3.33 35.56 -10.16
C SER B 258 -2.49 36.11 -11.29
N GLU B 259 -1.19 35.85 -11.21
CA GLU B 259 -0.22 36.37 -12.17
C GLU B 259 -0.24 35.60 -13.50
N LYS B 260 -0.80 34.38 -13.51
CA LYS B 260 -0.78 33.47 -14.68
C LYS B 260 0.64 33.21 -15.17
N ALA B 261 1.52 33.06 -14.19
CA ALA B 261 2.96 32.87 -14.39
C ALA B 261 3.30 31.38 -14.39
N PHE B 262 4.48 31.03 -14.93
CA PHE B 262 4.93 29.64 -14.90
C PHE B 262 6.16 29.44 -14.02
N ASP B 263 6.75 30.54 -13.56
CA ASP B 263 7.92 30.48 -12.70
C ASP B 263 7.66 31.10 -11.33
N LEU B 264 8.54 30.78 -10.38
CA LEU B 264 8.48 31.29 -9.01
C LEU B 264 8.41 32.80 -8.90
N GLY B 265 9.29 33.51 -9.63
CA GLY B 265 9.33 34.97 -9.56
C GLY B 265 7.97 35.52 -9.87
N GLY B 266 7.41 35.03 -10.97
CA GLY B 266 6.09 35.44 -11.42
C GLY B 266 4.97 35.09 -10.45
N MET B 267 4.96 33.87 -9.94
CA MET B 267 3.84 33.41 -9.08
C MET B 267 3.80 34.12 -7.73
N MET B 268 4.93 34.68 -7.32
CA MET B 268 5.07 35.35 -6.03
C MET B 268 5.07 36.88 -6.14
N ARG B 269 4.78 37.42 -7.31
CA ARG B 269 4.91 38.87 -7.53
C ARG B 269 3.90 39.71 -6.74
N ASN B 270 2.61 39.42 -6.92
CA ASN B 270 1.56 40.28 -6.36
C ASN B 270 1.50 40.23 -4.82
N GLU B 271 1.35 41.39 -4.18
N GLU B 271 1.34 41.40 -4.19
CA GLU B 271 1.12 41.43 -2.74
CA GLU B 271 1.06 41.52 -2.74
C GLU B 271 -0.09 40.59 -2.33
C GLU B 271 -0.09 40.61 -2.34
N ARG B 272 -1.11 40.60 -3.18
CA ARG B 272 -2.33 39.84 -2.94
C ARG B 272 -2.73 39.03 -4.16
N ASP B 273 -3.23 37.83 -3.92
CA ASP B 273 -3.98 37.08 -4.93
C ASP B 273 -5.44 37.25 -4.53
N TRP B 274 -6.20 36.17 -4.50
CA TRP B 274 -7.58 36.30 -4.04
C TRP B 274 -8.16 35.02 -3.49
N VAL B 275 -9.31 35.17 -2.83
CA VAL B 275 -10.28 34.08 -2.76
C VAL B 275 -11.32 34.40 -3.82
N VAL B 276 -11.66 33.40 -4.62
CA VAL B 276 -12.79 33.49 -5.55
C VAL B 276 -14.01 32.87 -4.89
N VAL B 277 -15.14 33.57 -4.97
CA VAL B 277 -16.38 33.10 -4.39
C VAL B 277 -17.34 32.83 -5.55
N PHE B 278 -18.02 31.70 -5.48
CA PHE B 278 -18.97 31.28 -6.51
C PHE B 278 -20.38 31.35 -5.99
N ASP B 279 -21.23 31.98 -6.79
CA ASP B 279 -22.65 31.95 -6.55
C ASP B 279 -23.18 30.77 -7.36
N ILE B 280 -23.25 29.61 -6.69
CA ILE B 280 -23.70 28.35 -7.28
C ILE B 280 -25.12 28.47 -7.80
N HIS B 281 -25.99 29.15 -7.06
CA HIS B 281 -27.35 29.39 -7.54
C HIS B 281 -27.35 30.07 -8.91
N ALA B 282 -26.52 31.11 -9.05
CA ALA B 282 -26.39 31.83 -10.31
C ALA B 282 -25.91 30.88 -11.40
N VAL B 283 -24.90 30.07 -11.08
CA VAL B 283 -24.39 29.10 -12.04
C VAL B 283 -25.49 28.12 -12.48
N GLU B 284 -26.17 27.53 -11.50
CA GLU B 284 -27.24 26.57 -11.76
C GLU B 284 -28.36 27.16 -12.63
N ALA B 285 -28.70 28.42 -12.36
CA ALA B 285 -29.63 29.16 -13.22
C ALA B 285 -29.21 29.18 -14.69
N ALA B 286 -27.92 29.43 -14.95
CA ALA B 286 -27.44 29.54 -16.32
C ALA B 286 -27.45 28.20 -17.05
N VAL B 287 -27.13 27.13 -16.34
CA VAL B 287 -27.24 25.78 -16.91
C VAL B 287 -28.71 25.51 -17.26
N LYS B 288 -29.60 25.79 -16.32
CA LYS B 288 -31.05 25.61 -16.51
C LYS B 288 -31.56 26.40 -17.73
N ALA B 289 -31.04 27.61 -17.89
CA ALA B 289 -31.42 28.51 -18.98
C ALA B 289 -30.83 28.06 -20.32
N GLY B 290 -29.77 27.26 -20.26
CA GLY B 290 -29.06 26.85 -21.46
C GLY B 290 -28.02 27.87 -21.90
N ASP B 291 -27.65 28.76 -20.99
CA ASP B 291 -26.72 29.83 -21.30
C ASP B 291 -25.28 29.45 -20.96
N PHE B 292 -24.70 28.56 -21.76
CA PHE B 292 -23.38 27.99 -21.48
C PHE B 292 -22.74 27.55 -22.78
N ILE B 293 -21.43 27.26 -22.73
CA ILE B 293 -20.76 26.68 -23.90
C ILE B 293 -20.27 25.25 -23.59
N THR B 294 -19.78 24.56 -24.62
CA THR B 294 -19.06 23.29 -24.41
C THR B 294 -17.67 23.33 -25.06
N LEU B 295 -16.74 22.59 -24.47
CA LEU B 295 -15.37 22.54 -24.98
C LEU B 295 -15.05 21.15 -25.52
N GLY B 296 -14.54 21.09 -26.75
CA GLY B 296 -14.19 19.81 -27.38
C GLY B 296 -15.40 18.90 -27.48
N ASP B 297 -15.18 17.62 -27.18
CA ASP B 297 -16.24 16.61 -27.26
C ASP B 297 -17.07 16.46 -25.96
N SER B 298 -16.60 17.09 -24.89
CA SER B 298 -17.32 17.11 -23.61
C SER B 298 -18.64 17.88 -23.71
N LYS B 299 -19.70 17.27 -23.19
CA LYS B 299 -21.02 17.89 -23.18
C LYS B 299 -21.24 18.68 -21.89
N THR B 300 -20.18 18.82 -21.09
CA THR B 300 -20.30 19.51 -19.82
C THR B 300 -20.51 21.01 -20.00
N PRO B 301 -21.60 21.56 -19.40
CA PRO B 301 -21.83 23.00 -19.51
C PRO B 301 -20.70 23.80 -18.88
N VAL B 302 -20.17 24.75 -19.65
CA VAL B 302 -19.10 25.61 -19.16
C VAL B 302 -19.59 27.05 -19.13
N LEU B 303 -19.39 27.68 -17.97
CA LEU B 303 -19.79 29.06 -17.69
C LEU B 303 -18.53 29.90 -17.53
N ASP B 304 -18.61 31.18 -17.88
CA ASP B 304 -17.42 32.03 -17.84
C ASP B 304 -17.45 32.96 -16.64
N GLY B 305 -16.67 32.60 -15.63
CA GLY B 305 -16.58 33.35 -14.38
C GLY B 305 -15.38 34.27 -14.32
N ARG B 306 -14.81 34.59 -15.48
CA ARG B 306 -13.72 35.58 -15.57
C ARG B 306 -14.29 36.99 -15.63
N LYS B 307 -13.64 37.93 -14.95
CA LYS B 307 -13.93 39.36 -15.14
C LYS B 307 -13.57 39.76 -16.57
N LYS B 308 -14.39 40.62 -17.17
CA LYS B 308 -14.03 41.16 -18.47
C LYS B 308 -14.10 42.68 -18.44
N ASP B 309 -12.98 43.31 -18.82
CA ASP B 309 -12.82 44.76 -18.81
C ASP B 309 -13.17 45.36 -17.44
N GLY B 310 -12.77 44.65 -16.39
CA GLY B 310 -13.06 45.06 -15.02
C GLY B 310 -14.45 44.69 -14.50
N LYS B 311 -15.35 44.30 -15.41
CA LYS B 311 -16.73 43.91 -15.03
C LYS B 311 -16.82 42.49 -14.48
N ASP B 312 -17.65 42.31 -13.45
CA ASP B 312 -17.90 41.00 -12.85
C ASP B 312 -19.00 40.22 -13.54
N SER B 313 -18.84 38.90 -13.62
CA SER B 313 -19.90 38.00 -14.04
C SER B 313 -20.81 37.80 -12.83
N LYS B 314 -21.99 37.23 -13.04
CA LYS B 314 -22.90 36.92 -11.93
C LYS B 314 -22.43 35.70 -11.13
N PHE B 315 -21.46 34.98 -11.68
CA PHE B 315 -21.05 33.67 -11.15
C PHE B 315 -19.96 33.79 -10.08
N THR B 316 -19.16 34.85 -10.18
CA THR B 316 -17.97 34.94 -9.35
C THR B 316 -17.74 36.34 -8.80
N ARG B 317 -17.09 36.40 -7.64
CA ARG B 317 -16.48 37.63 -7.16
C ARG B 317 -15.06 37.30 -6.70
N TYR B 318 -14.13 38.21 -6.98
CA TYR B 318 -12.75 38.02 -6.54
C TYR B 318 -12.40 38.90 -5.34
N VAL B 319 -12.09 38.26 -4.21
CA VAL B 319 -11.74 38.97 -2.98
C VAL B 319 -10.22 38.94 -2.75
N PRO B 320 -9.52 40.07 -2.95
CA PRO B 320 -8.05 40.11 -2.75
C PRO B 320 -7.59 39.63 -1.37
N VAL B 321 -6.64 38.69 -1.39
CA VAL B 321 -6.12 38.09 -0.18
C VAL B 321 -4.63 37.87 -0.39
N PRO B 322 -3.80 38.28 0.60
CA PRO B 322 -2.36 38.01 0.69
C PRO B 322 -2.09 36.61 1.27
N LYS B 323 -1.09 35.88 0.79
CA LYS B 323 -0.35 36.10 -0.45
C LYS B 323 -0.02 34.66 -0.85
N ASN B 324 -0.41 34.23 -2.06
CA ASN B 324 -0.41 32.81 -2.42
C ASN B 324 -1.16 31.99 -1.35
N PRO B 325 -2.38 32.43 -0.98
CA PRO B 325 -3.09 31.71 0.07
C PRO B 325 -3.40 30.27 -0.31
N HIS B 326 -3.59 29.44 0.71
CA HIS B 326 -3.64 28.00 0.53
C HIS B 326 -4.91 27.41 1.16
N GLY B 327 -4.94 27.24 2.48
CA GLY B 327 -6.14 26.71 3.16
C GLY B 327 -7.37 27.54 2.83
N CYS B 328 -8.50 26.88 2.64
CA CYS B 328 -9.79 27.54 2.45
C CYS B 328 -10.85 26.73 3.23
N ASN B 329 -11.22 27.24 4.40
CA ASN B 329 -11.93 26.44 5.39
C ASN B 329 -13.14 27.19 5.95
N THR B 330 -14.32 26.54 5.94
CA THR B 330 -15.55 27.15 6.49
C THR B 330 -15.67 26.84 7.98
N SER B 331 -15.92 27.86 8.81
CA SER B 331 -16.16 27.60 10.23
C SER B 331 -17.46 26.82 10.49
N SER B 332 -17.45 25.98 11.53
CA SER B 332 -18.54 25.08 11.88
C SER B 332 -19.81 25.79 12.35
N ASP B 333 -19.69 27.07 12.69
CA ASP B 333 -20.87 27.93 12.93
C ASP B 333 -21.40 28.58 11.64
N GLY B 334 -20.71 28.34 10.52
CA GLY B 334 -21.14 28.81 9.20
C GLY B 334 -20.92 30.28 8.89
N LYS B 335 -20.19 30.96 9.77
CA LYS B 335 -19.97 32.40 9.66
C LYS B 335 -18.88 32.85 8.70
N TYR B 336 -17.83 32.04 8.54
CA TYR B 336 -16.64 32.50 7.80
C TYR B 336 -16.07 31.49 6.83
N PHE B 337 -15.60 32.01 5.70
CA PHE B 337 -14.60 31.37 4.89
C PHE B 337 -13.26 31.86 5.41
N ILE B 338 -12.38 30.95 5.82
CA ILE B 338 -11.09 31.37 6.35
C ILE B 338 -9.96 30.93 5.42
N ALA B 339 -9.28 31.90 4.81
CA ALA B 339 -8.16 31.59 3.93
C ALA B 339 -6.85 31.74 4.68
N ALA B 340 -6.00 30.71 4.60
CA ALA B 340 -4.69 30.75 5.23
C ALA B 340 -3.70 31.48 4.34
N GLY B 341 -2.92 32.37 4.92
CA GLY B 341 -2.15 33.33 4.12
C GLY B 341 -0.86 32.86 3.51
N LYS B 342 -0.36 31.71 3.98
CA LYS B 342 0.89 31.11 3.49
C LYS B 342 2.04 32.11 3.53
N LEU B 343 2.24 32.86 2.46
CA LEU B 343 3.36 33.81 2.40
C LEU B 343 3.10 35.09 3.22
N SER B 344 1.83 35.34 3.53
CA SER B 344 1.44 36.35 4.54
C SER B 344 1.19 35.63 5.88
N PRO B 345 1.68 36.21 6.99
CA PRO B 345 1.56 35.51 8.26
C PRO B 345 0.20 35.70 8.91
N THR B 346 -0.84 35.58 8.08
CA THR B 346 -2.20 35.87 8.49
C THR B 346 -3.18 34.84 7.96
N CYS B 347 -4.39 34.89 8.48
CA CYS B 347 -5.55 34.31 7.80
C CYS B 347 -6.46 35.48 7.46
N SER B 348 -7.27 35.32 6.42
CA SER B 348 -8.29 36.28 6.05
C SER B 348 -9.67 35.65 6.24
N MET B 349 -10.53 36.34 6.99
CA MET B 349 -11.88 35.85 7.30
C MET B 349 -12.88 36.57 6.42
N ILE B 350 -13.62 35.81 5.62
CA ILE B 350 -14.67 36.37 4.78
C ILE B 350 -16.01 36.08 5.43
N ALA B 351 -16.72 37.14 5.78
CA ALA B 351 -18.09 37.02 6.32
C ALA B 351 -19.07 36.54 5.25
N ILE B 352 -19.52 35.31 5.42
CA ILE B 352 -20.45 34.71 4.47
C ILE B 352 -21.79 35.46 4.44
N ASP B 353 -22.22 36.02 5.57
CA ASP B 353 -23.46 36.82 5.55
C ASP B 353 -23.38 38.17 4.75
N LYS B 354 -22.18 38.56 4.36
CA LYS B 354 -22.01 39.74 3.49
C LYS B 354 -22.01 39.40 2.00
N LEU B 355 -22.02 38.11 1.67
CA LEU B 355 -21.87 37.68 0.29
C LEU B 355 -23.06 38.01 -0.61
N PRO B 356 -24.29 37.88 -0.08
CA PRO B 356 -25.43 38.29 -0.92
C PRO B 356 -25.30 39.75 -1.36
N ASP B 357 -24.95 40.64 -0.44
CA ASP B 357 -24.71 42.06 -0.74
C ASP B 357 -23.65 42.28 -1.83
N LEU B 358 -22.54 41.55 -1.74
CA LEU B 358 -21.44 41.66 -2.71
C LEU B 358 -21.86 41.30 -4.13
N PHE B 359 -22.65 40.24 -4.28
CA PHE B 359 -23.15 39.84 -5.59
C PHE B 359 -24.29 40.73 -6.08
N ALA B 360 -25.01 41.35 -5.14
CA ALA B 360 -26.08 42.30 -5.47
C ALA B 360 -25.57 43.65 -5.97
N GLY B 361 -24.26 43.87 -5.87
CA GLY B 361 -23.64 45.12 -6.29
C GLY B 361 -23.81 46.21 -5.26
N LYS B 362 -24.10 45.82 -4.01
CA LYS B 362 -24.41 46.76 -2.95
C LYS B 362 -23.18 47.14 -2.12
N LEU B 363 -22.02 46.58 -2.47
CA LEU B 363 -20.79 46.93 -1.78
C LEU B 363 -19.79 47.64 -2.69
N ALA B 364 -19.08 48.62 -2.11
CA ALA B 364 -18.14 49.46 -2.86
C ALA B 364 -16.97 48.67 -3.46
N ASP B 365 -16.38 47.77 -2.68
CA ASP B 365 -15.30 46.91 -3.19
C ASP B 365 -15.30 45.52 -2.52
N PRO B 366 -14.70 44.53 -3.20
CA PRO B 366 -14.65 43.17 -2.66
C PRO B 366 -14.06 43.02 -1.24
N ARG B 367 -13.11 43.88 -0.86
CA ARG B 367 -12.50 43.84 0.48
C ARG B 367 -13.48 44.12 1.63
N ASP B 368 -14.67 44.63 1.31
CA ASP B 368 -15.71 44.87 2.32
C ASP B 368 -16.23 43.57 3.00
N VAL B 369 -15.95 42.41 2.40
CA VAL B 369 -16.40 41.13 2.99
C VAL B 369 -15.39 40.54 3.99
N ILE B 370 -14.19 41.12 4.02
CA ILE B 370 -13.16 40.70 4.96
C ILE B 370 -13.43 41.32 6.32
N VAL B 371 -13.73 40.49 7.30
CA VAL B 371 -14.12 40.99 8.61
C VAL B 371 -13.07 40.67 9.67
N GLY B 372 -12.04 39.93 9.28
CA GLY B 372 -10.91 39.67 10.17
C GLY B 372 -9.68 39.33 9.38
N GLU B 373 -8.51 39.70 9.89
CA GLU B 373 -7.23 39.34 9.29
C GLU B 373 -6.22 39.12 10.42
N PRO B 374 -6.44 38.07 11.26
CA PRO B 374 -5.59 37.81 12.41
C PRO B 374 -4.14 37.55 12.02
N GLU B 375 -3.22 38.07 12.81
CA GLU B 375 -1.80 37.79 12.65
C GLU B 375 -1.44 36.59 13.50
N LEU B 376 -1.10 35.49 12.84
CA LEU B 376 -0.91 34.22 13.55
C LEU B 376 0.52 33.76 13.64
N GLY B 377 1.33 34.07 12.63
CA GLY B 377 2.70 33.57 12.63
C GLY B 377 3.12 33.10 11.26
N LEU B 378 4.32 32.52 11.19
CA LEU B 378 4.96 32.22 9.90
C LEU B 378 4.49 30.95 9.23
N GLY B 379 4.06 31.13 7.98
CA GLY B 379 3.54 30.09 7.09
C GLY B 379 2.22 29.43 7.45
N PRO B 380 1.14 30.23 7.64
CA PRO B 380 -0.16 29.61 7.97
C PRO B 380 -0.74 28.88 6.77
N LEU B 381 -1.13 27.61 6.96
CA LEU B 381 -1.54 26.79 5.81
C LEU B 381 -3.01 26.34 5.78
N HIS B 382 -3.51 25.96 6.95
N HIS B 382 -3.55 25.96 6.94
CA HIS B 382 -4.85 25.41 7.04
CA HIS B 382 -4.84 25.29 7.00
C HIS B 382 -5.44 25.71 8.40
C HIS B 382 -5.43 25.60 8.38
N THR B 383 -6.76 25.68 8.45
CA THR B 383 -7.48 25.99 9.68
C THR B 383 -8.58 24.97 10.02
N THR B 384 -8.71 24.63 11.29
CA THR B 384 -9.80 23.73 11.72
C THR B 384 -10.57 24.30 12.93
N PHE B 385 -11.60 23.59 13.39
CA PHE B 385 -12.54 24.21 14.36
C PHE B 385 -12.93 23.26 15.48
N ASP B 386 -13.09 23.81 16.69
CA ASP B 386 -13.48 22.99 17.85
C ASP B 386 -14.97 23.08 18.15
N GLY B 387 -15.68 23.85 17.34
CA GLY B 387 -17.11 24.12 17.51
C GLY B 387 -17.39 24.91 18.79
N ARG B 388 -16.34 25.41 19.41
CA ARG B 388 -16.49 26.14 20.67
C ARG B 388 -16.17 27.62 20.47
N GLY B 389 -16.02 28.04 19.22
CA GLY B 389 -15.65 29.41 18.91
C GLY B 389 -14.19 29.62 18.56
N ASN B 390 -13.37 28.58 18.73
CA ASN B 390 -11.95 28.68 18.41
C ASN B 390 -11.59 28.07 17.06
N ALA B 391 -10.55 28.62 16.42
CA ALA B 391 -9.92 28.07 15.24
C ALA B 391 -8.52 27.59 15.61
N TYR B 392 -8.04 26.58 14.89
CA TYR B 392 -6.68 26.07 15.00
C TYR B 392 -6.03 26.09 13.60
N THR B 393 -4.87 26.74 13.50
CA THR B 393 -4.18 26.95 12.22
C THR B 393 -2.77 26.37 12.26
N THR B 394 -2.41 25.61 11.24
CA THR B 394 -1.03 25.15 11.11
C THR B 394 -0.12 26.29 10.67
N LEU B 395 1.06 26.37 11.28
CA LEU B 395 2.08 27.33 10.85
C LEU B 395 3.28 26.50 10.37
N PHE B 396 3.50 26.46 9.06
CA PHE B 396 4.52 25.57 8.47
C PHE B 396 5.94 25.97 8.85
N ILE B 397 6.21 27.28 8.82
CA ILE B 397 7.56 27.79 9.08
C ILE B 397 7.91 27.72 10.56
N ASP B 398 7.00 28.20 11.40
CA ASP B 398 7.19 28.20 12.86
C ASP B 398 7.04 26.79 13.46
N SER B 399 6.37 25.90 12.73
CA SER B 399 6.16 24.50 13.13
C SER B 399 5.30 24.34 14.38
N GLN B 400 4.10 24.88 14.29
CA GLN B 400 3.20 25.01 15.43
C GLN B 400 1.75 24.91 14.97
N VAL B 401 0.86 24.59 15.91
CA VAL B 401 -0.57 24.84 15.72
C VAL B 401 -0.93 25.98 16.66
N VAL B 402 -1.60 26.98 16.10
CA VAL B 402 -2.03 28.15 16.87
C VAL B 402 -3.55 28.12 17.17
N LYS B 403 -3.92 28.15 18.45
CA LYS B 403 -5.34 28.23 18.84
C LYS B 403 -5.73 29.69 18.98
N TRP B 404 -6.80 30.08 18.27
CA TRP B 404 -7.29 31.47 18.25
C TRP B 404 -8.81 31.58 18.24
N ASN B 405 -9.32 32.66 18.87
CA ASN B 405 -10.75 32.95 18.93
C ASN B 405 -11.22 33.76 17.73
N MET B 406 -12.20 33.25 16.99
CA MET B 406 -12.66 33.93 15.79
C MET B 406 -13.35 35.26 16.12
N GLU B 407 -14.28 35.22 17.08
CA GLU B 407 -15.01 36.40 17.56
C GLU B 407 -14.06 37.54 17.94
N GLU B 408 -13.03 37.22 18.72
CA GLU B 408 -12.06 38.21 19.17
C GLU B 408 -11.19 38.74 18.04
N ALA B 409 -10.93 37.90 17.04
CA ALA B 409 -10.16 38.34 15.88
C ALA B 409 -10.95 39.34 15.05
N VAL B 410 -12.26 39.11 14.97
CA VAL B 410 -13.17 39.99 14.23
C VAL B 410 -13.27 41.35 14.94
N ARG B 411 -13.23 41.33 16.26
CA ARG B 411 -13.22 42.58 17.05
C ARG B 411 -11.92 43.36 16.87
N ALA B 412 -10.78 42.67 16.91
CA ALA B 412 -9.48 43.32 16.69
C ALA B 412 -9.35 43.98 15.32
N TYR B 413 -10.05 43.44 14.32
CA TYR B 413 -10.01 43.99 12.97
C TYR B 413 -10.71 45.34 12.91
N LYS B 414 -11.76 45.47 13.72
CA LYS B 414 -12.51 46.71 13.89
C LYS B 414 -11.82 47.70 14.83
N GLY B 415 -10.66 47.34 15.35
CA GLY B 415 -9.89 48.26 16.17
C GLY B 415 -9.63 47.84 17.61
N GLU B 416 -10.52 47.02 18.18
CA GLU B 416 -10.43 46.63 19.59
C GLU B 416 -9.09 46.01 19.94
N LYS B 417 -8.60 46.35 21.14
CA LYS B 417 -7.40 45.73 21.70
C LYS B 417 -7.75 44.46 22.48
N VAL B 418 -7.59 43.32 21.82
CA VAL B 418 -7.84 42.02 22.43
C VAL B 418 -6.90 40.97 21.82
N ASN B 419 -6.25 40.20 22.69
CA ASN B 419 -5.40 39.10 22.22
C ASN B 419 -6.30 37.92 21.87
N TYR B 420 -6.49 37.73 20.57
CA TYR B 420 -7.34 36.64 20.08
C TYR B 420 -6.61 35.29 20.13
N ILE B 421 -5.29 35.33 20.21
CA ILE B 421 -4.46 34.11 20.31
C ILE B 421 -4.48 33.46 21.70
N LYS B 422 -4.87 32.19 21.75
CA LYS B 422 -4.98 31.48 23.03
C LYS B 422 -3.76 30.63 23.43
N GLN B 423 -3.14 29.94 22.47
CA GLN B 423 -2.03 29.03 22.72
C GLN B 423 -1.35 28.68 21.40
N LYS B 424 -0.05 28.42 21.46
CA LYS B 424 0.72 27.86 20.34
C LYS B 424 1.39 26.59 20.81
N LEU B 425 1.13 25.49 20.10
CA LEU B 425 1.70 24.20 20.45
C LEU B 425 2.73 23.83 19.40
N ASP B 426 3.94 23.49 19.85
CA ASP B 426 4.99 23.02 18.96
C ASP B 426 4.64 21.65 18.40
N VAL B 427 4.80 21.49 17.10
CA VAL B 427 4.63 20.18 16.47
C VAL B 427 5.85 19.79 15.63
N HIS B 428 5.91 18.52 15.22
CA HIS B 428 7.17 17.91 14.82
C HIS B 428 7.09 17.11 13.52
N TYR B 429 7.36 17.73 12.38
CA TYR B 429 7.66 19.15 12.21
C TYR B 429 7.11 19.57 10.85
N GLN B 430 6.80 20.87 10.70
CA GLN B 430 6.31 21.45 9.45
C GLN B 430 4.91 20.95 9.07
N PRO B 431 3.90 21.42 9.82
CA PRO B 431 2.52 20.94 9.66
C PRO B 431 1.90 21.48 8.40
N GLY B 432 1.11 20.63 7.78
CA GLY B 432 0.45 20.88 6.51
C GLY B 432 -1.00 21.15 6.81
N HIS B 433 -1.83 20.12 6.70
CA HIS B 433 -3.23 20.21 7.11
C HIS B 433 -3.38 19.84 8.57
N LEU B 434 -4.55 20.18 9.10
CA LEU B 434 -4.96 19.67 10.40
C LEU B 434 -6.45 19.47 10.38
N HIS B 435 -6.97 18.67 11.32
CA HIS B 435 -8.36 18.26 11.31
C HIS B 435 -8.81 17.97 12.75
N ALA B 436 -9.83 18.72 13.21
CA ALA B 436 -10.50 18.45 14.47
C ALA B 436 -11.76 17.60 14.22
N SER B 437 -12.05 16.69 15.16
CA SER B 437 -13.22 15.81 15.03
C SER B 437 -14.50 16.55 14.70
N LEU B 438 -15.11 16.16 13.59
CA LEU B 438 -16.38 16.70 13.13
C LEU B 438 -16.33 18.19 12.71
N CYS B 439 -15.12 18.73 12.50
CA CYS B 439 -14.91 20.11 12.05
C CYS B 439 -15.64 20.61 10.79
N GLU B 440 -16.06 19.71 9.90
CA GLU B 440 -16.72 20.12 8.64
C GLU B 440 -18.24 20.19 8.76
N THR B 441 -18.72 20.03 9.99
CA THR B 441 -20.14 19.93 10.28
C THR B 441 -20.48 20.85 11.45
N ASN B 442 -21.77 21.17 11.58
CA ASN B 442 -22.25 21.90 12.75
C ASN B 442 -22.17 21.09 14.04
N GLU B 443 -21.73 19.83 13.94
CA GLU B 443 -21.54 18.97 15.12
C GLU B 443 -20.10 18.95 15.67
N ALA B 444 -19.24 19.84 15.16
CA ALA B 444 -17.85 19.92 15.62
C ALA B 444 -17.83 19.81 17.14
N ASP B 445 -17.12 18.82 17.64
CA ASP B 445 -17.31 18.37 19.01
C ASP B 445 -16.13 18.67 19.94
N GLY B 446 -15.07 19.26 19.36
CA GLY B 446 -13.88 19.70 20.11
C GLY B 446 -13.18 18.68 20.96
N LYS B 447 -13.14 17.44 20.49
CA LYS B 447 -12.45 16.38 21.22
C LYS B 447 -11.04 16.15 20.73
N TRP B 448 -10.89 15.80 19.44
CA TRP B 448 -9.58 15.45 18.92
C TRP B 448 -9.13 16.33 17.76
N LEU B 449 -7.82 16.58 17.73
CA LEU B 449 -7.21 17.28 16.60
C LEU B 449 -6.05 16.46 16.07
N VAL B 450 -5.98 16.28 14.76
CA VAL B 450 -4.81 15.67 14.13
C VAL B 450 -4.06 16.69 13.29
N ALA B 451 -2.77 16.85 13.55
CA ALA B 451 -1.91 17.72 12.73
C ALA B 451 -0.95 16.84 11.94
N LEU B 452 -0.88 17.07 10.64
CA LEU B 452 -0.14 16.17 9.74
C LEU B 452 1.12 16.88 9.26
N SER B 453 2.25 16.54 9.90
CA SER B 453 3.54 17.21 9.70
C SER B 453 4.44 16.52 8.64
N LYS B 454 5.11 17.31 7.81
CA LYS B 454 5.80 16.77 6.61
C LYS B 454 7.21 16.23 6.89
N PHE B 455 7.78 16.60 8.03
CA PHE B 455 9.18 16.24 8.34
C PHE B 455 9.26 15.60 9.73
N SER B 456 9.33 14.27 9.80
CA SER B 456 9.34 13.62 11.12
C SER B 456 10.73 13.57 11.76
N LYS B 457 11.77 13.87 10.99
CA LYS B 457 13.12 14.01 11.53
C LYS B 457 13.45 12.77 12.36
N ASP B 458 13.66 12.93 13.67
CA ASP B 458 14.02 11.80 14.53
C ASP B 458 12.91 11.43 15.52
N ARG B 459 11.66 11.67 15.15
CA ARG B 459 10.52 11.34 16.01
C ARG B 459 10.22 9.83 16.02
N PHE B 460 10.77 9.13 15.03
CA PHE B 460 10.62 7.67 14.91
C PHE B 460 11.98 7.02 14.64
N LEU B 461 12.08 5.72 14.87
CA LEU B 461 13.26 4.96 14.43
C LEU B 461 13.66 5.32 13.01
N PRO B 462 14.97 5.40 12.76
CA PRO B 462 15.47 5.66 11.40
C PRO B 462 15.10 4.53 10.45
N VAL B 463 14.66 4.88 9.25
CA VAL B 463 14.31 3.89 8.23
C VAL B 463 14.90 4.20 6.86
N GLY B 464 16.03 4.90 6.85
CA GLY B 464 16.68 5.29 5.61
C GLY B 464 16.34 6.70 5.13
N PRO B 465 16.73 7.04 3.91
CA PRO B 465 16.59 8.43 3.48
C PRO B 465 15.16 8.94 3.38
N LEU B 466 14.22 8.04 3.07
CA LEU B 466 12.81 8.39 2.96
C LEU B 466 12.13 8.20 4.31
N HIS B 467 11.54 9.29 4.81
CA HIS B 467 10.93 9.38 6.15
C HIS B 467 9.41 9.27 6.04
N PRO B 468 8.75 8.80 7.11
CA PRO B 468 7.30 8.83 7.22
C PRO B 468 6.86 10.25 7.56
N GLU B 469 5.58 10.53 7.31
CA GLU B 469 4.94 11.74 7.82
C GLU B 469 4.61 11.55 9.29
N ASN B 470 4.49 12.65 10.01
CA ASN B 470 4.14 12.56 11.44
C ASN B 470 2.78 13.17 11.68
N ASP B 471 1.78 12.30 11.82
CA ASP B 471 0.41 12.73 11.99
C ASP B 471 0.19 12.67 13.52
N GLN B 472 0.16 13.84 14.14
CA GLN B 472 0.14 13.94 15.59
C GLN B 472 -1.27 14.16 16.12
N LEU B 473 -1.62 13.36 17.14
CA LEU B 473 -2.94 13.40 17.75
C LEU B 473 -2.88 14.30 18.97
N ILE B 474 -3.77 15.28 19.00
CA ILE B 474 -3.77 16.32 20.05
C ILE B 474 -5.14 16.39 20.75
N ASP B 475 -5.12 16.36 22.08
CA ASP B 475 -6.35 16.40 22.87
C ASP B 475 -6.73 17.88 22.98
N ILE B 476 -7.85 18.26 22.38
CA ILE B 476 -8.33 19.63 22.44
C ILE B 476 -9.59 19.81 23.29
N SER B 477 -9.94 18.77 24.05
CA SER B 477 -11.18 18.75 24.84
C SER B 477 -11.20 19.80 25.96
N GLY B 478 -10.01 20.13 26.48
CA GLY B 478 -9.87 21.21 27.46
C GLY B 478 -9.37 22.54 26.90
N ASP B 479 -9.01 23.46 27.79
CA ASP B 479 -8.50 24.78 27.39
C ASP B 479 -7.10 24.73 26.80
N GLU B 480 -6.33 23.73 27.24
CA GLU B 480 -4.95 23.54 26.81
C GLU B 480 -4.88 22.41 25.79
N MET B 481 -4.20 22.66 24.68
CA MET B 481 -3.91 21.62 23.70
C MET B 481 -2.82 20.72 24.26
N LYS B 482 -2.99 19.41 24.10
CA LYS B 482 -2.01 18.47 24.59
C LYS B 482 -1.66 17.47 23.50
N LEU B 483 -0.36 17.35 23.19
CA LEU B 483 0.11 16.31 22.27
C LEU B 483 0.05 14.95 22.97
N VAL B 484 -0.68 14.00 22.41
CA VAL B 484 -0.79 12.68 23.06
C VAL B 484 -0.15 11.50 22.30
N HIS B 485 -0.01 11.64 20.98
CA HIS B 485 0.41 10.53 20.13
C HIS B 485 1.05 11.00 18.82
N ASP B 486 2.20 10.40 18.48
CA ASP B 486 2.81 10.56 17.16
C ASP B 486 2.50 9.35 16.27
N GLY B 487 1.84 9.58 15.14
CA GLY B 487 1.48 8.50 14.20
C GLY B 487 2.27 8.56 12.89
N PRO B 488 3.17 7.58 12.66
CA PRO B 488 3.89 7.61 11.40
C PRO B 488 2.98 7.17 10.25
N THR B 489 3.07 7.83 9.11
CA THR B 489 2.27 7.42 7.96
C THR B 489 3.09 7.41 6.66
N PHE B 490 2.71 6.54 5.74
CA PHE B 490 3.45 6.38 4.49
C PHE B 490 2.96 7.33 3.39
N ALA B 491 3.86 7.84 2.54
CA ALA B 491 3.44 8.50 1.28
C ALA B 491 2.67 9.81 1.41
N GLU B 492 2.83 10.48 2.54
CA GLU B 492 2.24 11.79 2.74
C GLU B 492 0.71 11.85 2.61
N PRO B 493 0.00 11.37 3.63
CA PRO B 493 -1.40 11.76 3.71
C PRO B 493 -1.42 13.30 3.69
N HIS B 494 -2.38 13.91 3.03
CA HIS B 494 -2.31 15.36 3.09
C HIS B 494 -3.24 15.81 4.20
N ASP B 495 -4.47 15.33 4.09
CA ASP B 495 -5.52 15.61 5.01
C ASP B 495 -6.15 14.29 5.44
N CYS B 496 -7.00 14.36 6.45
CA CYS B 496 -7.78 13.21 6.88
C CYS B 496 -9.15 13.72 7.31
N ILE B 497 -10.05 12.80 7.59
CA ILE B 497 -11.36 13.16 8.12
C ILE B 497 -11.84 12.14 9.12
N MET B 498 -12.46 12.63 10.20
CA MET B 498 -12.95 11.76 11.26
C MET B 498 -14.48 11.73 11.26
N ALA B 499 -15.03 10.62 11.73
CA ALA B 499 -16.46 10.50 11.91
C ALA B 499 -16.68 9.64 13.13
N ARG B 500 -17.78 9.87 13.84
CA ARG B 500 -18.14 9.02 14.96
C ARG B 500 -18.37 7.56 14.52
N ARG B 501 -18.01 6.62 15.39
CA ARG B 501 -18.40 5.24 15.17
C ARG B 501 -19.86 5.12 14.72
N ASP B 502 -20.77 5.85 15.39
CA ASP B 502 -22.18 5.72 15.10
C ASP B 502 -22.62 6.44 13.82
N GLN B 503 -21.69 7.09 13.12
CA GLN B 503 -21.98 7.72 11.83
C GLN B 503 -21.70 6.82 10.62
N ILE B 504 -21.09 5.66 10.86
CA ILE B 504 -20.74 4.73 9.78
C ILE B 504 -21.40 3.39 10.03
N LYS B 505 -22.00 2.84 8.98
CA LYS B 505 -22.65 1.54 9.06
C LYS B 505 -22.26 0.68 7.86
N THR B 506 -21.67 -0.47 8.13
CA THR B 506 -21.05 -1.26 7.08
C THR B 506 -21.73 -2.62 6.87
N LYS B 507 -21.58 -3.17 5.69
CA LYS B 507 -22.08 -4.52 5.39
C LYS B 507 -21.13 -5.58 5.98
N LYS B 508 -21.70 -6.67 6.47
CA LYS B 508 -20.94 -7.75 7.12
C LYS B 508 -20.49 -8.74 6.06
N ILE B 509 -21.38 -8.92 5.09
CA ILE B 509 -21.23 -9.79 3.95
C ILE B 509 -21.86 -9.03 2.78
N TRP B 510 -21.51 -9.42 1.57
CA TRP B 510 -22.06 -8.78 0.39
C TRP B 510 -23.49 -9.24 0.17
N ASP B 511 -24.29 -8.38 -0.47
CA ASP B 511 -25.60 -8.74 -1.02
C ASP B 511 -25.42 -9.20 -2.48
N ARG B 512 -26.06 -10.29 -2.88
CA ARG B 512 -25.96 -10.77 -4.28
C ARG B 512 -26.44 -9.77 -5.33
N ASN B 513 -27.30 -8.84 -4.91
CA ASN B 513 -27.88 -7.83 -5.78
C ASN B 513 -27.07 -6.53 -5.81
N ASP B 514 -25.88 -6.54 -5.22
CA ASP B 514 -25.10 -5.30 -5.12
C ASP B 514 -24.69 -4.75 -6.47
N PRO B 515 -24.90 -3.43 -6.69
CA PRO B 515 -24.54 -2.78 -7.97
C PRO B 515 -23.04 -2.88 -8.35
N PHE B 516 -22.15 -3.11 -7.39
CA PHE B 516 -20.72 -3.17 -7.68
C PHE B 516 -20.38 -4.22 -8.76
N PHE B 517 -21.00 -5.40 -8.66
CA PHE B 517 -20.74 -6.44 -9.65
C PHE B 517 -21.98 -6.85 -10.44
N ALA B 518 -23.03 -6.03 -10.34
CA ALA B 518 -24.24 -6.20 -11.13
C ALA B 518 -24.00 -6.39 -12.63
N PRO B 519 -23.07 -5.61 -13.25
CA PRO B 519 -22.78 -5.80 -14.68
C PRO B 519 -22.23 -7.19 -15.00
N THR B 520 -21.44 -7.75 -14.09
CA THR B 520 -20.93 -9.11 -14.27
C THR B 520 -22.05 -10.13 -14.19
N VAL B 521 -23.01 -9.90 -13.27
CA VAL B 521 -24.18 -10.78 -13.12
C VAL B 521 -25.02 -10.77 -14.41
N GLU B 522 -25.23 -9.57 -14.92
CA GLU B 522 -26.00 -9.38 -16.14
C GLU B 522 -25.33 -10.04 -17.36
N MET B 523 -24.01 -9.88 -17.46
N MET B 523 -24.01 -9.90 -17.49
CA MET B 523 -23.20 -10.52 -18.51
CA MET B 523 -23.29 -10.56 -18.59
C MET B 523 -23.32 -12.04 -18.43
C MET B 523 -23.23 -12.07 -18.45
N ALA B 524 -23.23 -12.57 -17.22
CA ALA B 524 -23.34 -14.01 -16.96
C ALA B 524 -24.70 -14.59 -17.38
N LYS B 525 -25.78 -13.85 -17.11
CA LYS B 525 -27.13 -14.23 -17.55
C LYS B 525 -27.23 -14.40 -19.07
N LYS B 526 -26.73 -13.41 -19.81
CA LYS B 526 -26.71 -13.45 -21.27
C LYS B 526 -25.93 -14.66 -21.80
N ASP B 527 -25.05 -15.19 -20.95
CA ASP B 527 -24.28 -16.38 -21.27
C ASP B 527 -25.04 -17.63 -20.79
N GLY B 528 -26.25 -17.40 -20.25
CA GLY B 528 -27.08 -18.46 -19.68
C GLY B 528 -26.52 -19.09 -18.41
N ILE B 529 -25.89 -18.26 -17.56
CA ILE B 529 -25.23 -18.76 -16.34
C ILE B 529 -25.94 -18.27 -15.08
N ASN B 530 -26.14 -19.17 -14.13
CA ASN B 530 -26.58 -18.82 -12.78
C ASN B 530 -25.37 -18.78 -11.85
N LEU B 531 -24.90 -17.57 -11.54
CA LEU B 531 -23.68 -17.40 -10.73
C LEU B 531 -23.72 -18.07 -9.37
N ASP B 532 -24.92 -18.18 -8.79
CA ASP B 532 -25.05 -18.72 -7.43
C ASP B 532 -24.81 -20.22 -7.30
N THR B 533 -24.86 -20.94 -8.42
CA THR B 533 -24.75 -22.40 -8.37
C THR B 533 -23.78 -23.00 -9.38
N ASP B 534 -23.50 -22.25 -10.45
CA ASP B 534 -22.87 -22.83 -11.64
C ASP B 534 -21.35 -22.96 -11.57
N ASN B 535 -20.86 -24.11 -12.02
CA ASN B 535 -19.44 -24.45 -12.17
C ASN B 535 -19.23 -25.02 -13.57
N LYS B 536 -18.79 -24.17 -14.50
CA LYS B 536 -19.05 -24.37 -15.92
C LYS B 536 -18.02 -23.65 -16.82
N VAL B 537 -17.80 -24.19 -18.01
CA VAL B 537 -16.86 -23.56 -18.95
C VAL B 537 -17.57 -23.34 -20.28
N ILE B 538 -17.47 -22.11 -20.78
CA ILE B 538 -18.08 -21.76 -22.04
C ILE B 538 -17.04 -21.18 -22.99
N ARG B 539 -17.18 -21.54 -24.27
CA ARG B 539 -16.19 -21.23 -25.31
C ARG B 539 -16.80 -20.59 -26.53
N ASP B 540 -16.07 -19.63 -27.10
CA ASP B 540 -16.51 -18.92 -28.30
C ASP B 540 -15.28 -18.42 -29.04
N GLY B 541 -14.86 -19.19 -30.05
CA GLY B 541 -13.70 -18.86 -30.86
C GLY B 541 -12.41 -19.04 -30.08
N ASN B 542 -11.79 -17.91 -29.73
CA ASN B 542 -10.54 -17.92 -28.96
C ASN B 542 -10.77 -17.54 -27.49
N LYS B 543 -12.02 -17.38 -27.09
CA LYS B 543 -12.34 -16.95 -25.72
C LYS B 543 -12.89 -18.08 -24.84
N VAL B 544 -12.45 -18.10 -23.58
CA VAL B 544 -12.85 -19.12 -22.62
C VAL B 544 -13.38 -18.47 -21.35
N ARG B 545 -14.66 -18.72 -21.03
CA ARG B 545 -15.27 -18.16 -19.82
C ARG B 545 -15.46 -19.25 -18.78
N VAL B 546 -14.64 -19.21 -17.75
CA VAL B 546 -14.75 -20.15 -16.63
C VAL B 546 -15.61 -19.49 -15.54
N TYR B 547 -16.68 -20.18 -15.14
CA TYR B 547 -17.57 -19.69 -14.08
C TYR B 547 -17.52 -20.71 -12.97
N MET B 548 -17.27 -20.27 -11.75
CA MET B 548 -17.23 -21.19 -10.63
C MET B 548 -17.71 -20.57 -9.33
N THR B 549 -18.30 -21.41 -8.48
CA THR B 549 -18.53 -21.01 -7.10
C THR B 549 -17.33 -21.41 -6.25
N SER B 550 -17.18 -20.83 -5.05
CA SER B 550 -16.13 -21.24 -4.13
C SER B 550 -16.64 -21.35 -2.72
N MET B 551 -16.20 -22.39 -2.01
CA MET B 551 -16.51 -22.56 -0.60
C MET B 551 -15.28 -23.15 0.06
N ALA B 552 -14.81 -22.52 1.14
CA ALA B 552 -13.62 -23.01 1.81
C ALA B 552 -13.80 -24.51 2.05
N PRO B 553 -12.80 -25.34 1.72
CA PRO B 553 -11.50 -25.05 1.11
C PRO B 553 -11.38 -25.49 -0.36
N ALA B 554 -12.41 -25.24 -1.16
CA ALA B 554 -12.43 -25.78 -2.50
C ALA B 554 -12.95 -24.78 -3.52
N PHE B 555 -12.24 -24.63 -4.64
CA PHE B 555 -12.77 -24.00 -5.85
C PHE B 555 -13.81 -24.95 -6.46
N GLY B 556 -14.87 -24.40 -7.04
CA GLY B 556 -15.92 -25.20 -7.69
C GLY B 556 -15.46 -25.78 -9.02
N VAL B 557 -14.54 -25.09 -9.69
CA VAL B 557 -13.84 -25.62 -10.86
C VAL B 557 -12.35 -25.81 -10.50
N GLN B 558 -11.88 -27.04 -10.52
CA GLN B 558 -10.51 -27.33 -10.07
C GLN B 558 -9.57 -27.69 -11.22
N GLU B 559 -10.12 -27.79 -12.42
CA GLU B 559 -9.29 -27.91 -13.60
C GLU B 559 -10.01 -27.45 -14.83
N PHE B 560 -9.26 -26.93 -15.78
CA PHE B 560 -9.79 -26.65 -17.11
C PHE B 560 -8.63 -26.64 -18.10
N THR B 561 -8.95 -26.87 -19.37
CA THR B 561 -7.97 -27.06 -20.42
C THR B 561 -8.30 -26.03 -21.50
N VAL B 562 -7.25 -25.39 -22.01
CA VAL B 562 -7.38 -24.36 -23.05
C VAL B 562 -6.30 -24.55 -24.12
N LYS B 563 -6.43 -23.81 -25.22
CA LYS B 563 -5.40 -23.80 -26.28
C LYS B 563 -4.50 -22.58 -26.10
N GLN B 564 -3.19 -22.78 -26.25
CA GLN B 564 -2.25 -21.67 -26.20
C GLN B 564 -2.78 -20.49 -26.99
N GLY B 565 -2.81 -19.32 -26.36
CA GLY B 565 -3.27 -18.08 -26.99
C GLY B 565 -4.70 -17.66 -26.66
N ASP B 566 -5.44 -18.56 -26.03
CA ASP B 566 -6.81 -18.30 -25.58
C ASP B 566 -6.88 -17.16 -24.57
N GLU B 567 -7.86 -16.28 -24.75
CA GLU B 567 -8.17 -15.24 -23.77
C GLU B 567 -9.14 -15.80 -22.74
N VAL B 568 -8.68 -15.96 -21.50
CA VAL B 568 -9.45 -16.64 -20.46
C VAL B 568 -10.05 -15.64 -19.44
N THR B 569 -11.35 -15.70 -19.21
CA THR B 569 -11.99 -14.92 -18.16
C THR B 569 -12.50 -15.86 -17.09
N VAL B 570 -12.01 -15.68 -15.86
CA VAL B 570 -12.44 -16.48 -14.75
C VAL B 570 -13.32 -15.64 -13.85
N THR B 571 -14.52 -16.15 -13.58
CA THR B 571 -15.50 -15.48 -12.73
C THR B 571 -15.76 -16.37 -11.53
N ILE B 572 -15.50 -15.86 -10.33
CA ILE B 572 -15.67 -16.65 -9.10
C ILE B 572 -16.72 -16.01 -8.18
N THR B 573 -17.63 -16.82 -7.68
CA THR B 573 -18.62 -16.38 -6.71
C THR B 573 -18.37 -17.09 -5.39
N ASN B 574 -18.00 -16.32 -4.37
CA ASN B 574 -17.81 -16.87 -3.04
C ASN B 574 -19.15 -17.15 -2.38
N ILE B 575 -19.48 -18.44 -2.22
CA ILE B 575 -20.80 -18.79 -1.68
C ILE B 575 -20.80 -19.15 -0.19
N ASP B 576 -19.68 -18.94 0.48
CA ASP B 576 -19.67 -18.98 1.93
C ASP B 576 -20.56 -17.85 2.47
N GLN B 577 -21.18 -18.11 3.63
CA GLN B 577 -22.04 -17.12 4.25
C GLN B 577 -21.54 -16.67 5.61
N ILE B 578 -20.40 -17.21 6.03
CA ILE B 578 -19.80 -16.82 7.30
C ILE B 578 -18.96 -15.57 7.05
N GLU B 579 -19.16 -14.56 7.88
CA GLU B 579 -18.39 -13.31 7.80
C GLU B 579 -16.90 -13.61 7.88
N ASP B 580 -16.12 -12.91 7.06
CA ASP B 580 -14.66 -12.90 7.17
C ASP B 580 -14.03 -14.09 6.40
N VAL B 581 -14.85 -14.98 5.84
CA VAL B 581 -14.30 -16.11 5.05
C VAL B 581 -14.11 -15.70 3.58
N SER B 582 -13.13 -14.82 3.34
CA SER B 582 -12.75 -14.43 1.98
C SER B 582 -11.88 -15.49 1.28
N HIS B 583 -11.99 -15.55 -0.05
CA HIS B 583 -11.11 -16.35 -0.86
C HIS B 583 -10.26 -15.49 -1.78
N GLY B 584 -9.19 -16.08 -2.31
CA GLY B 584 -8.38 -15.39 -3.30
C GLY B 584 -8.26 -16.25 -4.54
N PHE B 585 -7.65 -15.70 -5.58
CA PHE B 585 -7.43 -16.42 -6.83
C PHE B 585 -6.19 -15.88 -7.53
N VAL B 586 -5.14 -16.70 -7.59
CA VAL B 586 -3.87 -16.32 -8.22
C VAL B 586 -3.48 -17.40 -9.24
N VAL B 587 -3.13 -17.00 -10.47
CA VAL B 587 -2.62 -17.94 -11.47
C VAL B 587 -1.11 -17.76 -11.48
N VAL B 588 -0.40 -18.80 -11.09
CA VAL B 588 1.03 -18.70 -10.87
C VAL B 588 1.69 -18.25 -12.19
N ASN B 589 2.55 -17.24 -12.11
CA ASN B 589 3.40 -16.81 -13.22
C ASN B 589 2.62 -16.15 -14.37
N HIS B 590 1.39 -15.72 -14.09
CA HIS B 590 0.55 -15.03 -15.07
C HIS B 590 0.15 -13.60 -14.70
N GLY B 591 0.66 -13.09 -13.59
CA GLY B 591 0.31 -11.75 -13.12
C GLY B 591 -1.18 -11.54 -12.82
N VAL B 592 -1.82 -12.57 -12.25
CA VAL B 592 -3.28 -12.58 -12.03
C VAL B 592 -3.53 -12.79 -10.55
N SER B 593 -4.30 -11.87 -9.95
CA SER B 593 -4.57 -11.90 -8.53
C SER B 593 -5.86 -11.15 -8.21
N MET B 594 -6.70 -11.73 -7.34
CA MET B 594 -7.93 -11.06 -6.89
C MET B 594 -8.53 -11.66 -5.61
N GLU B 595 -9.39 -10.86 -4.96
CA GLU B 595 -10.13 -11.18 -3.72
C GLU B 595 -11.58 -11.47 -4.06
N ILE B 596 -12.16 -12.47 -3.39
CA ILE B 596 -13.58 -12.71 -3.47
C ILE B 596 -14.09 -12.95 -2.04
N SER B 597 -14.79 -11.95 -1.52
CA SER B 597 -15.36 -11.99 -0.17
C SER B 597 -16.69 -12.74 -0.09
N PRO B 598 -17.15 -13.07 1.14
CA PRO B 598 -18.42 -13.82 1.19
C PRO B 598 -19.55 -13.15 0.38
N GLN B 599 -20.15 -13.92 -0.51
CA GLN B 599 -21.27 -13.52 -1.38
C GLN B 599 -20.93 -12.55 -2.52
N GLN B 600 -19.63 -12.29 -2.68
CA GLN B 600 -19.15 -11.48 -3.77
C GLN B 600 -18.92 -12.31 -5.04
N THR B 601 -19.14 -11.68 -6.19
CA THR B 601 -18.66 -12.22 -7.45
C THR B 601 -17.56 -11.29 -7.94
N SER B 602 -16.45 -11.87 -8.40
CA SER B 602 -15.34 -11.10 -8.97
C SER B 602 -14.84 -11.84 -10.22
N SER B 603 -14.42 -11.07 -11.23
CA SER B 603 -13.89 -11.66 -12.47
C SER B 603 -12.59 -11.01 -12.94
N ILE B 604 -11.81 -11.78 -13.72
CA ILE B 604 -10.50 -11.34 -14.17
C ILE B 604 -10.14 -12.05 -15.47
N THR B 605 -9.45 -11.33 -16.36
CA THR B 605 -9.15 -11.82 -17.70
C THR B 605 -7.66 -11.79 -18.02
N PHE B 606 -7.18 -12.85 -18.65
CA PHE B 606 -5.77 -12.96 -19.00
C PHE B 606 -5.63 -13.89 -20.19
N VAL B 607 -4.49 -13.79 -20.86
CA VAL B 607 -4.16 -14.66 -22.00
C VAL B 607 -3.34 -15.87 -21.56
N ALA B 608 -3.73 -17.06 -22.02
CA ALA B 608 -2.96 -18.28 -21.77
C ALA B 608 -1.82 -18.43 -22.79
N ASP B 609 -0.78 -17.65 -22.63
CA ASP B 609 0.21 -17.55 -23.69
C ASP B 609 1.38 -18.52 -23.51
N LYS B 610 1.29 -19.34 -22.46
CA LYS B 610 2.30 -20.34 -22.15
C LYS B 610 1.70 -21.76 -22.09
N PRO B 611 2.21 -22.70 -22.91
CA PRO B 611 1.71 -24.06 -22.86
C PRO B 611 2.15 -24.75 -21.57
N GLY B 612 1.49 -25.84 -21.23
CA GLY B 612 1.89 -26.64 -20.09
C GLY B 612 0.85 -26.55 -18.98
N LEU B 613 1.21 -27.13 -17.85
CA LEU B 613 0.38 -27.07 -16.65
C LEU B 613 0.73 -25.83 -15.84
N HIS B 614 -0.30 -25.09 -15.43
CA HIS B 614 -0.18 -23.84 -14.68
C HIS B 614 -1.13 -23.84 -13.50
N TRP B 615 -0.57 -23.84 -12.30
CA TRP B 615 -1.37 -23.92 -11.09
C TRP B 615 -2.03 -22.59 -10.77
N TYR B 616 -3.24 -22.65 -10.19
CA TYR B 616 -3.87 -21.50 -9.53
C TYR B 616 -4.20 -21.86 -8.11
N TYR B 617 -4.27 -20.86 -7.22
CA TYR B 617 -4.48 -21.17 -5.81
C TYR B 617 -5.22 -20.04 -5.16
N CYS B 618 -5.79 -20.34 -4.01
CA CYS B 618 -6.47 -19.36 -3.16
C CYS B 618 -5.45 -18.61 -2.28
N SER B 619 -5.40 -17.28 -2.42
CA SER B 619 -4.45 -16.47 -1.66
C SER B 619 -4.85 -16.08 -0.23
N TRP B 620 -6.16 -16.09 0.04
CA TRP B 620 -6.67 -15.66 1.33
C TRP B 620 -6.79 -16.82 2.30
N PHE B 621 -6.04 -16.78 3.39
CA PHE B 621 -6.08 -17.89 4.33
C PHE B 621 -7.48 -18.08 4.88
N CYS B 622 -8.10 -19.21 4.52
CA CYS B 622 -9.54 -19.34 4.65
C CYS B 622 -10.00 -20.58 5.45
N HIS B 623 -9.09 -21.50 5.76
CA HIS B 623 -9.46 -22.80 6.34
C HIS B 623 -8.17 -23.47 6.77
N ALA B 624 -8.27 -24.50 7.64
CA ALA B 624 -7.12 -25.34 7.97
C ALA B 624 -6.50 -25.94 6.70
N LEU B 625 -7.32 -26.13 5.67
CA LEU B 625 -6.89 -26.76 4.41
C LEU B 625 -6.67 -25.74 3.29
N HIS B 626 -6.26 -24.53 3.68
CA HIS B 626 -6.00 -23.44 2.74
C HIS B 626 -4.92 -23.78 1.71
N MET B 627 -3.83 -24.39 2.16
CA MET B 627 -2.69 -24.64 1.27
C MET B 627 -3.13 -25.52 0.11
N GLU B 628 -4.15 -26.34 0.37
CA GLU B 628 -4.66 -27.33 -0.57
C GLU B 628 -5.80 -26.81 -1.47
N MET B 629 -6.26 -25.57 -1.24
CA MET B 629 -7.25 -24.96 -2.14
C MET B 629 -6.54 -24.50 -3.43
N VAL B 630 -6.41 -25.44 -4.36
CA VAL B 630 -5.68 -25.19 -5.60
C VAL B 630 -6.46 -25.77 -6.77
N GLY B 631 -5.97 -25.47 -7.97
CA GLY B 631 -6.52 -25.99 -9.21
C GLY B 631 -5.48 -25.91 -10.33
N ARG B 632 -5.82 -26.47 -11.50
CA ARG B 632 -4.90 -26.59 -12.63
C ARG B 632 -5.52 -26.04 -13.89
N MET B 633 -4.78 -25.14 -14.56
CA MET B 633 -5.07 -24.72 -15.92
C MET B 633 -4.13 -25.47 -16.84
N MET B 634 -4.69 -26.27 -17.74
CA MET B 634 -3.87 -27.04 -18.66
C MET B 634 -3.87 -26.41 -20.04
N VAL B 635 -2.72 -25.97 -20.50
CA VAL B 635 -2.66 -25.24 -21.76
C VAL B 635 -2.04 -26.10 -22.85
N GLU B 636 -2.86 -26.46 -23.83
CA GLU B 636 -2.39 -27.29 -24.94
C GLU B 636 -1.58 -26.43 -25.90
N PRO B 637 -0.44 -26.95 -26.39
CA PRO B 637 0.51 -26.26 -27.27
C PRO B 637 -0.13 -25.74 -28.55
N ALA B 638 0.28 -24.54 -28.97
CA ALA B 638 -0.21 -23.96 -30.23
C ALA B 638 0.33 -24.77 -31.41
CU1 CUA C . 9.79 19.73 -4.26
CU2 CUA C . 7.49 19.82 -3.04
S1 CUK D . 2.56 -20.31 5.26
CU1 CUK D . 1.57 -18.25 5.68
S2 CUK D . 0.40 -18.96 7.76
CU2 CUK D . 3.02 -19.15 3.45
CU3 CUK D . 4.29 -19.09 5.90
CU4 CUK D . 2.08 -20.94 7.57
K K E . -8.09 -12.52 6.80
CA CA F . -0.28 -35.58 2.40
CL CL G . 7.99 -22.18 9.12
CA CA H . 0.68 34.96 -6.45
CL CL I . -8.22 23.66 2.97
CU1 CUA J . -7.43 -20.09 1.43
CU2 CUA J . -9.65 -20.32 0.01
S1 CUK K . -2.71 20.75 0.01
CU1 CUK K . -1.65 18.92 1.03
S2 CUK K . -0.79 20.23 2.96
CU2 CUK K . -2.96 19.15 -1.45
CU3 CUK K . -4.53 19.69 0.75
CU4 CUK K . -2.47 22.00 2.08
K K L . 7.61 13.78 4.22
N1 IMD M . -0.87 27.14 -13.28
C2 IMD M . -1.28 27.66 -12.10
N3 IMD M . -0.37 27.35 -11.15
C4 IMD M . 0.61 26.61 -11.73
C5 IMD M . 0.29 26.49 -13.07
#